data_5W10
#
_entry.id   5W10
#
_cell.length_a   119.190
_cell.length_b   119.995
_cell.length_c   62.454
_cell.angle_alpha   90.00
_cell.angle_beta   90.00
_cell.angle_gamma   90.00
#
_symmetry.space_group_name_H-M   'P 21 21 2'
#
loop_
_entity.id
_entity.type
_entity.pdbx_description
1 polymer 'cGMP-specific phosphodiesterase'
2 non-polymer "ADENOSINE-3',5'-CYCLIC-MONOPHOSPHATE"
3 water water
#
_entity_poly.entity_id   1
_entity_poly.type   'polypeptide(L)'
_entity_poly.pdbx_seq_one_letter_code
;(MSE)GSSHHHHHHSSGLVPRGSH(MSE)TLKDSKPELIKLYSSLGKIITSSLEQQEVLSAV(MSE)EEVRLFFSPKNWS
L(MSE)RYDENSEELFFLIAEGIQFNHIRSIRLKSGEGIAGSVVQTKSPIFVENVKNDPRFSKKVDEKTGFETKTIIAVP
(MSE)IFRGEVHGVIELVNRFDGSSFSPEDLVILQTIADFTAISLAHSDQYEKTK
;
_entity_poly.pdbx_strand_id   A,B,C,D
#
# COMPACT_ATOMS: atom_id res chain seq x y z
N LEU A 23 -3.14 6.43 29.16
CA LEU A 23 -1.80 7.07 29.27
C LEU A 23 -1.01 6.95 27.94
N LYS A 24 -0.86 5.70 27.47
CA LYS A 24 -0.02 5.31 26.30
C LYS A 24 1.39 5.15 26.75
N ASP A 25 1.57 5.36 28.05
CA ASP A 25 2.77 5.06 28.76
C ASP A 25 2.53 3.81 29.61
N SER A 26 1.26 3.44 29.80
CA SER A 26 0.91 2.23 30.55
CA SER A 26 0.93 2.23 30.57
C SER A 26 1.45 1.00 29.85
N LYS A 27 1.77 -0.03 30.63
CA LYS A 27 2.33 -1.23 30.05
C LYS A 27 1.45 -1.85 28.93
N PRO A 28 0.12 -1.97 29.15
CA PRO A 28 -0.72 -2.56 28.11
C PRO A 28 -0.61 -1.84 26.77
N GLU A 29 -0.50 -0.51 26.81
CA GLU A 29 -0.38 0.26 25.59
C GLU A 29 1.01 0.12 25.01
N LEU A 30 2.02 0.03 25.87
CA LEU A 30 3.38 -0.15 25.38
C LEU A 30 3.50 -1.50 24.67
N ILE A 31 2.97 -2.56 25.26
CA ILE A 31 3.17 -3.89 24.67
C ILE A 31 2.38 -3.98 23.35
N LYS A 32 1.21 -3.36 23.24
CA LYS A 32 0.49 -3.28 21.97
C LYS A 32 1.32 -2.59 20.89
N LEU A 33 1.89 -1.45 21.26
CA LEU A 33 2.72 -0.74 20.35
C LEU A 33 3.96 -1.55 19.96
N TYR A 34 4.62 -2.16 20.94
CA TYR A 34 5.87 -2.89 20.64
C TYR A 34 5.63 -4.14 19.83
N SER A 35 4.49 -4.77 20.07
CA SER A 35 4.18 -5.97 19.33
C SER A 35 3.65 -5.68 17.92
N SER A 36 3.31 -4.43 17.60
CA SER A 36 2.91 -3.99 16.25
CA SER A 36 2.90 -4.05 16.26
C SER A 36 4.11 -3.81 15.34
N LEU A 37 5.30 -3.62 15.91
CA LEU A 37 6.50 -3.44 15.13
C LEU A 37 6.73 -4.54 14.12
N GLY A 38 7.09 -4.19 12.88
CA GLY A 38 7.28 -5.20 11.90
C GLY A 38 6.07 -5.65 11.11
N LYS A 39 4.88 -5.46 11.64
CA LYS A 39 3.68 -6.00 10.99
C LYS A 39 3.45 -5.35 9.61
N ILE A 40 3.75 -4.05 9.49
CA ILE A 40 3.60 -3.40 8.18
C ILE A 40 4.79 -3.71 7.32
N ILE A 41 5.98 -3.63 7.89
CA ILE A 41 7.19 -3.88 7.15
C ILE A 41 7.26 -5.28 6.51
N THR A 42 6.81 -6.30 7.22
CA THR A 42 6.92 -7.69 6.73
C THR A 42 5.72 -8.09 5.88
N SER A 43 4.76 -7.18 5.66
CA SER A 43 3.51 -7.52 4.99
C SER A 43 3.56 -7.64 3.47
N SER A 44 4.66 -7.27 2.82
CA SER A 44 4.83 -7.54 1.40
C SER A 44 6.16 -8.13 0.98
N LEU A 45 6.16 -8.89 -0.12
CA LEU A 45 7.41 -9.35 -0.74
C LEU A 45 7.98 -8.41 -1.82
N GLU A 46 7.25 -7.35 -2.17
CA GLU A 46 7.68 -6.48 -3.24
C GLU A 46 8.42 -5.29 -2.67
N GLN A 47 9.58 -4.97 -3.22
CA GLN A 47 10.44 -4.01 -2.62
C GLN A 47 9.80 -2.64 -2.41
N GLN A 48 9.05 -2.16 -3.39
CA GLN A 48 8.43 -0.85 -3.26
C GLN A 48 7.47 -0.78 -2.09
N GLU A 49 6.67 -1.83 -1.94
CA GLU A 49 5.75 -1.90 -0.81
C GLU A 49 6.49 -2.01 0.54
N VAL A 50 7.60 -2.73 0.55
CA VAL A 50 8.40 -2.83 1.77
C VAL A 50 8.86 -1.41 2.15
N LEU A 51 9.36 -0.68 1.14
CA LEU A 51 9.93 0.63 1.39
C LEU A 51 8.87 1.59 1.90
N SER A 52 7.68 1.54 1.31
CA SER A 52 6.58 2.30 1.84
C SER A 52 6.23 1.93 3.30
N ALA A 53 6.29 0.64 3.60
CA ALA A 53 5.96 0.17 4.94
C ALA A 53 6.98 0.62 5.98
N VAL A 54 8.25 0.63 5.59
CA VAL A 54 9.29 1.10 6.47
C VAL A 54 9.06 2.55 6.80
N GLU A 56 6.19 4.09 6.80
CA GLU A 56 5.06 4.18 7.73
C GLU A 56 5.46 3.94 9.21
N GLU A 57 6.29 2.94 9.46
CA GLU A 57 6.67 2.59 10.85
C GLU A 57 7.66 3.59 11.41
N VAL A 58 8.62 4.01 10.60
CA VAL A 58 9.56 5.05 11.03
C VAL A 58 8.83 6.35 11.34
N ARG A 59 7.88 6.73 10.51
CA ARG A 59 7.16 7.96 10.72
C ARG A 59 6.35 7.87 11.99
N LEU A 60 5.68 6.73 12.19
CA LEU A 60 4.86 6.53 13.37
C LEU A 60 5.69 6.70 14.65
N PHE A 61 6.85 6.08 14.72
CA PHE A 61 7.62 6.10 15.95
C PHE A 61 8.52 7.31 16.14
N PHE A 62 8.94 7.94 15.05
CA PHE A 62 9.89 9.03 15.14
C PHE A 62 9.56 10.32 14.37
N SER A 63 8.62 10.30 13.43
CA SER A 63 8.32 11.49 12.59
C SER A 63 9.55 12.30 12.20
N PRO A 64 10.59 11.68 11.65
CA PRO A 64 11.78 12.47 11.37
C PRO A 64 11.63 13.26 10.08
N LYS A 65 12.06 14.52 10.11
CA LYS A 65 12.03 15.36 8.92
C LYS A 65 13.09 14.87 7.95
N ASN A 66 14.24 14.39 8.45
CA ASN A 66 15.29 13.84 7.63
C ASN A 66 15.75 12.45 8.08
N TRP A 67 15.54 11.47 7.22
CA TRP A 67 15.97 10.10 7.51
C TRP A 67 16.12 9.35 6.21
N SER A 68 16.86 8.27 6.25
CA SER A 68 17.12 7.52 5.05
C SER A 68 17.32 6.02 5.28
N LEU A 69 17.15 5.26 4.20
CA LEU A 69 17.51 3.84 4.17
C LEU A 69 18.42 3.61 3.00
N ARG A 71 20.78 0.80 0.99
CA ARG A 71 20.98 -0.63 0.77
C ARG A 71 22.44 -0.89 0.49
N TYR A 72 22.95 -2.01 1.01
CA TYR A 72 24.33 -2.43 0.76
C TYR A 72 24.36 -3.45 -0.35
N ASP A 73 25.18 -3.19 -1.37
CA ASP A 73 25.43 -4.13 -2.46
C ASP A 73 26.68 -4.96 -2.12
N GLU A 74 26.50 -6.25 -1.87
CA GLU A 74 27.61 -7.14 -1.47
CA GLU A 74 27.55 -7.19 -1.46
C GLU A 74 28.71 -7.20 -2.51
N ASN A 75 28.34 -7.19 -3.79
CA ASN A 75 29.33 -7.25 -4.88
C ASN A 75 30.25 -6.03 -4.93
N SER A 76 29.67 -4.85 -5.15
CA SER A 76 30.48 -3.63 -5.22
C SER A 76 30.94 -3.15 -3.86
N GLU A 77 30.46 -3.75 -2.79
CA GLU A 77 30.70 -3.25 -1.44
C GLU A 77 30.31 -1.78 -1.28
N GLU A 78 29.22 -1.38 -1.92
CA GLU A 78 28.75 -0.01 -1.83
C GLU A 78 27.34 0.13 -1.26
N LEU A 79 27.08 1.30 -0.68
CA LEU A 79 25.75 1.68 -0.22
C LEU A 79 25.14 2.64 -1.22
N PHE A 80 23.84 2.51 -1.45
CA PHE A 80 23.08 3.46 -2.23
C PHE A 80 21.74 3.70 -1.56
N PHE A 81 21.15 4.84 -1.86
CA PHE A 81 19.88 5.23 -1.24
C PHE A 81 18.70 4.51 -1.86
N LEU A 82 17.83 3.99 -1.00
CA LEU A 82 16.50 3.57 -1.42
C LEU A 82 15.45 4.56 -0.92
N ILE A 83 15.66 5.11 0.27
CA ILE A 83 14.77 6.09 0.84
C ILE A 83 15.61 7.26 1.33
N ALA A 84 15.14 8.47 1.07
CA ALA A 84 15.83 9.67 1.54
C ALA A 84 14.80 10.74 1.73
N GLU A 85 14.26 10.84 2.93
CA GLU A 85 13.21 11.82 3.22
C GLU A 85 13.83 13.12 3.72
N GLY A 86 13.23 14.24 3.30
CA GLY A 86 13.72 15.59 3.67
C GLY A 86 14.81 16.17 2.79
N ILE A 87 15.24 15.41 1.78
CA ILE A 87 16.12 15.93 0.73
C ILE A 87 15.60 15.39 -0.63
N GLN A 88 16.06 16.00 -1.72
CA GLN A 88 15.56 15.67 -3.05
C GLN A 88 16.19 14.41 -3.54
N PHE A 89 15.35 13.42 -3.85
CA PHE A 89 15.91 12.13 -4.29
C PHE A 89 16.79 12.25 -5.52
N ASN A 90 16.44 13.16 -6.42
CA ASN A 90 17.27 13.39 -7.62
C ASN A 90 18.68 13.76 -7.35
N HIS A 91 18.93 14.51 -6.27
CA HIS A 91 20.27 14.95 -5.92
C HIS A 91 21.13 13.81 -5.42
N ILE A 92 20.53 12.74 -4.91
CA ILE A 92 21.32 11.66 -4.29
C ILE A 92 21.20 10.30 -4.95
N ARG A 93 20.38 10.20 -6.00
CA ARG A 93 20.22 8.93 -6.73
C ARG A 93 21.54 8.29 -7.16
N SER A 94 22.50 9.09 -7.58
CA SER A 94 23.77 8.55 -8.07
C SER A 94 24.81 8.31 -6.98
N ILE A 95 24.56 8.76 -5.75
CA ILE A 95 25.56 8.56 -4.68
C ILE A 95 25.82 7.06 -4.44
N ARG A 96 27.10 6.70 -4.33
CA ARG A 96 27.54 5.39 -3.87
CA ARG A 96 27.55 5.37 -3.90
C ARG A 96 28.58 5.59 -2.79
N LEU A 97 28.40 4.96 -1.63
CA LEU A 97 29.42 5.03 -0.57
C LEU A 97 30.19 3.73 -0.58
N LYS A 98 31.54 3.81 -0.60
CA LYS A 98 32.40 2.62 -0.47
C LYS A 98 32.29 2.14 0.96
N SER A 99 32.73 0.91 1.21
CA SER A 99 32.69 0.38 2.58
C SER A 99 33.65 1.23 3.40
N GLY A 100 33.30 1.43 4.67
CA GLY A 100 34.10 2.29 5.53
C GLY A 100 33.87 3.77 5.28
N GLU A 101 33.20 4.13 4.19
CA GLU A 101 32.97 5.53 3.86
C GLU A 101 31.71 6.09 4.51
N GLY A 102 31.86 7.22 5.19
CA GLY A 102 30.77 7.85 5.91
C GLY A 102 30.45 7.13 7.20
N ILE A 103 29.62 7.75 8.02
CA ILE A 103 29.07 7.05 9.19
C ILE A 103 28.37 5.76 8.73
N ALA A 104 27.58 5.87 7.68
CA ALA A 104 26.86 4.72 7.17
C ALA A 104 27.80 3.59 6.77
N GLY A 105 28.88 3.91 6.06
CA GLY A 105 29.90 2.91 5.68
C GLY A 105 30.58 2.28 6.88
N SER A 106 30.81 3.06 7.93
CA SER A 106 31.42 2.49 9.14
C SER A 106 30.49 1.51 9.88
N VAL A 107 29.18 1.81 9.86
CA VAL A 107 28.21 0.89 10.44
C VAL A 107 28.27 -0.47 9.74
N VAL A 108 28.40 -0.47 8.44
CA VAL A 108 28.51 -1.70 7.71
C VAL A 108 29.73 -2.48 8.21
N GLN A 109 30.86 -1.79 8.38
CA GLN A 109 32.11 -2.45 8.77
C GLN A 109 32.05 -2.99 10.19
N THR A 110 31.57 -2.18 11.10
CA THR A 110 31.51 -2.55 12.51
C THR A 110 30.30 -3.42 12.85
N LYS A 111 29.31 -3.45 11.94
CA LYS A 111 28.04 -4.11 12.23
C LYS A 111 27.39 -3.63 13.52
N SER A 112 27.57 -2.38 13.87
CA SER A 112 27.01 -1.87 15.11
C SER A 112 26.50 -0.48 14.88
N PRO A 113 25.61 -0.04 15.77
CA PRO A 113 25.05 1.28 15.61
C PRO A 113 26.11 2.33 15.88
N ILE A 114 25.92 3.52 15.33
CA ILE A 114 26.77 4.64 15.62
C ILE A 114 25.88 5.82 15.86
N PHE A 115 26.08 6.47 17.00
CA PHE A 115 25.44 7.73 17.30
C PHE A 115 26.50 8.83 17.32
N VAL A 116 26.21 9.93 16.62
CA VAL A 116 27.14 11.04 16.48
C VAL A 116 26.42 12.32 16.80
N GLU A 117 26.80 12.95 17.91
CA GLU A 117 26.16 14.18 18.37
C GLU A 117 26.57 15.37 17.55
N ASN A 118 27.72 15.29 16.89
CA ASN A 118 28.17 16.36 16.01
C ASN A 118 29.15 15.84 14.98
N VAL A 119 28.70 15.77 13.75
CA VAL A 119 29.47 15.19 12.66
C VAL A 119 30.79 15.85 12.31
N LYS A 120 30.94 17.11 12.68
CA LYS A 120 32.20 17.80 12.43
C LYS A 120 33.29 17.17 13.28
N ASN A 121 32.92 16.78 14.48
CA ASN A 121 33.85 16.17 15.40
C ASN A 121 34.07 14.71 15.17
N ASP A 122 33.71 14.20 14.00
CA ASP A 122 33.88 12.77 13.68
C ASP A 122 34.54 12.64 12.32
N PRO A 123 35.75 12.06 12.31
CA PRO A 123 36.44 11.86 11.04
C PRO A 123 35.79 10.85 10.09
N ARG A 124 34.89 10.00 10.61
CA ARG A 124 34.23 9.00 9.79
C ARG A 124 33.19 9.63 8.86
N PHE A 125 32.69 10.80 9.24
CA PHE A 125 31.63 11.47 8.50
C PHE A 125 32.00 11.72 7.05
N SER A 126 31.01 11.67 6.16
CA SER A 126 31.22 12.00 4.73
C SER A 126 30.34 13.18 4.33
N LYS A 127 31.01 14.23 3.84
CA LYS A 127 30.35 15.47 3.41
C LYS A 127 29.69 15.35 2.05
N LYS A 128 29.98 14.25 1.38
CA LYS A 128 29.62 14.10 -0.02
C LYS A 128 28.15 14.46 -0.27
N VAL A 129 27.26 13.94 0.56
CA VAL A 129 25.83 14.13 0.36
C VAL A 129 25.37 15.55 0.69
N ASP A 130 25.83 16.10 1.81
CA ASP A 130 25.52 17.52 2.15
C ASP A 130 25.95 18.49 1.01
N GLU A 131 27.09 18.19 0.39
CA GLU A 131 27.56 18.95 -0.77
C GLU A 131 26.59 18.86 -1.95
N LYS A 132 25.99 17.70 -2.20
CA LYS A 132 25.00 17.57 -3.27
C LYS A 132 23.66 18.19 -2.91
N THR A 133 23.29 18.16 -1.64
CA THR A 133 21.95 18.57 -1.26
C THR A 133 21.86 19.99 -0.77
N GLY A 134 22.98 20.51 -0.25
CA GLY A 134 22.95 21.81 0.44
C GLY A 134 22.30 21.75 1.81
N PHE A 135 22.02 20.56 2.31
CA PHE A 135 21.54 20.37 3.68
C PHE A 135 22.76 20.32 4.57
N GLU A 136 22.63 20.80 5.81
CA GLU A 136 23.71 20.64 6.79
C GLU A 136 23.40 19.56 7.85
N THR A 137 24.16 18.48 7.79
CA THR A 137 24.03 17.38 8.73
C THR A 137 24.75 17.77 10.01
N LYS A 138 24.08 17.64 11.15
CA LYS A 138 24.69 17.89 12.46
C LYS A 138 24.76 16.62 13.31
N THR A 139 23.64 15.88 13.41
CA THR A 139 23.63 14.63 14.18
CA THR A 139 23.61 14.64 14.18
C THR A 139 23.11 13.48 13.34
N ILE A 140 23.64 12.29 13.61
CA ILE A 140 23.21 11.07 12.98
C ILE A 140 23.05 9.96 14.01
N ILE A 141 21.91 9.27 13.98
CA ILE A 141 21.87 7.88 14.50
C ILE A 141 21.74 6.94 13.30
N ALA A 142 22.65 5.97 13.24
CA ALA A 142 22.75 5.04 12.15
C ALA A 142 22.76 3.63 12.70
N VAL A 143 21.86 2.79 12.18
CA VAL A 143 21.80 1.39 12.61
C VAL A 143 21.93 0.44 11.44
N PRO A 144 22.58 -0.71 11.66
CA PRO A 144 22.74 -1.68 10.60
C PRO A 144 21.48 -2.51 10.43
N ILE A 146 20.60 -6.11 9.69
CA ILE A 146 21.26 -7.41 9.65
C ILE A 146 20.28 -8.54 9.67
N PHE A 147 20.53 -9.50 8.79
CA PHE A 147 19.69 -10.70 8.72
C PHE A 147 20.58 -11.90 8.46
N ARG A 148 20.49 -12.91 9.32
CA ARG A 148 21.36 -14.10 9.24
C ARG A 148 22.81 -13.72 9.09
N GLY A 149 23.27 -12.78 9.92
CA GLY A 149 24.67 -12.35 9.89
C GLY A 149 25.11 -11.47 8.72
N GLU A 150 24.25 -11.27 7.72
CA GLU A 150 24.60 -10.36 6.63
C GLU A 150 23.98 -8.98 6.80
N VAL A 151 24.78 -8.00 6.43
CA VAL A 151 24.40 -6.62 6.44
C VAL A 151 23.68 -6.32 5.13
N HIS A 152 22.47 -5.81 5.24
CA HIS A 152 21.70 -5.47 4.06
C HIS A 152 21.66 -3.96 3.86
N GLY A 153 22.16 -3.18 4.81
CA GLY A 153 22.07 -1.73 4.69
C GLY A 153 22.06 -1.03 6.03
N VAL A 154 21.68 0.24 5.98
CA VAL A 154 21.75 1.13 7.12
C VAL A 154 20.58 2.09 7.07
N ILE A 155 20.01 2.36 8.23
CA ILE A 155 18.97 3.35 8.39
C ILE A 155 19.56 4.49 9.20
N GLU A 156 19.37 5.72 8.73
CA GLU A 156 19.88 6.91 9.41
C GLU A 156 18.77 7.83 9.76
N LEU A 157 18.77 8.32 11.00
CA LEU A 157 17.91 9.44 11.37
C LEU A 157 18.86 10.65 11.52
N VAL A 158 18.58 11.72 10.79
CA VAL A 158 19.50 12.83 10.65
C VAL A 158 18.93 14.03 11.32
N ASN A 159 19.73 14.67 12.17
CA ASN A 159 19.30 15.86 12.95
C ASN A 159 17.99 15.70 13.66
N ARG A 160 17.75 14.50 14.19
CA ARG A 160 16.50 14.15 14.84
C ARG A 160 16.65 14.09 16.35
N PHE A 161 17.82 13.64 16.80
CA PHE A 161 18.16 13.46 18.22
C PHE A 161 19.46 14.16 18.55
N ASP A 162 19.63 14.55 19.80
CA ASP A 162 20.96 14.95 20.32
C ASP A 162 21.29 14.15 21.57
N GLY A 163 22.43 14.45 22.17
CA GLY A 163 22.91 13.74 23.37
C GLY A 163 21.89 13.62 24.49
N SER A 164 21.03 14.61 24.66
CA SER A 164 20.02 14.59 25.72
C SER A 164 18.75 13.83 25.35
N SER A 165 18.32 13.89 24.10
CA SER A 165 16.99 13.42 23.77
C SER A 165 16.99 11.96 23.32
N PHE A 166 18.16 11.39 23.04
CA PHE A 166 18.23 10.06 22.48
C PHE A 166 18.23 8.98 23.56
N SER A 167 17.12 8.25 23.70
CA SER A 167 16.97 7.25 24.77
C SER A 167 17.32 5.82 24.34
N PRO A 168 17.58 4.95 25.32
CA PRO A 168 17.80 3.54 24.99
C PRO A 168 16.59 2.92 24.31
N GLU A 169 15.37 3.31 24.68
CA GLU A 169 14.17 2.82 24.02
CA GLU A 169 14.15 2.81 24.02
C GLU A 169 14.15 3.22 22.53
N ASP A 170 14.50 4.48 22.23
CA ASP A 170 14.56 4.93 20.87
C ASP A 170 15.49 4.07 20.06
N LEU A 171 16.66 3.80 20.61
CA LEU A 171 17.64 3.00 19.91
C LEU A 171 17.14 1.58 19.60
N VAL A 172 16.52 0.94 20.59
CA VAL A 172 16.02 -0.43 20.43
C VAL A 172 14.86 -0.49 19.40
N ILE A 173 13.96 0.49 19.45
CA ILE A 173 12.87 0.57 18.47
C ILE A 173 13.46 0.68 17.07
N LEU A 174 14.47 1.51 16.91
CA LEU A 174 15.08 1.70 15.59
C LEU A 174 15.83 0.47 15.13
N GLN A 175 16.55 -0.16 16.06
CA GLN A 175 17.21 -1.43 15.75
C GLN A 175 16.21 -2.53 15.32
N THR A 176 15.06 -2.56 15.97
CA THR A 176 14.02 -3.53 15.67
C THR A 176 13.43 -3.29 14.27
N ILE A 177 13.14 -2.04 13.95
CA ILE A 177 12.73 -1.68 12.60
C ILE A 177 13.76 -2.16 11.60
N ALA A 178 15.04 -1.91 11.89
CA ALA A 178 16.10 -2.34 10.99
C ALA A 178 16.11 -3.85 10.85
N ASP A 179 15.97 -4.60 11.96
CA ASP A 179 15.89 -6.07 11.91
C ASP A 179 14.76 -6.59 10.97
N PHE A 180 13.55 -6.09 11.15
CA PHE A 180 12.44 -6.51 10.31
C PHE A 180 12.60 -6.10 8.85
N THR A 181 13.21 -4.94 8.62
CA THR A 181 13.46 -4.48 7.28
C THR A 181 14.49 -5.38 6.61
N ALA A 182 15.51 -5.80 7.35
CA ALA A 182 16.47 -6.75 6.81
C ALA A 182 15.79 -8.03 6.36
N ILE A 183 14.91 -8.57 7.21
CA ILE A 183 14.17 -9.76 6.89
C ILE A 183 13.37 -9.57 5.59
N SER A 184 12.63 -8.47 5.53
CA SER A 184 11.77 -8.22 4.39
C SER A 184 12.51 -7.99 3.11
N LEU A 185 13.60 -7.22 3.16
CA LEU A 185 14.39 -6.99 1.97
C LEU A 185 15.12 -8.26 1.50
N ALA A 186 15.58 -9.09 2.42
CA ALA A 186 16.20 -10.35 2.02
C ALA A 186 15.18 -11.22 1.27
N HIS A 187 13.99 -11.32 1.82
CA HIS A 187 12.94 -12.11 1.18
C HIS A 187 12.45 -11.52 -0.12
N SER A 188 12.36 -10.20 -0.21
CA SER A 188 12.01 -9.53 -1.44
C SER A 188 13.02 -9.85 -2.53
N ASP A 189 14.30 -9.82 -2.17
CA ASP A 189 15.34 -10.18 -3.14
C ASP A 189 15.21 -11.63 -3.60
N GLN A 190 14.98 -12.53 -2.66
CA GLN A 190 14.91 -13.95 -2.95
C GLN A 190 13.65 -14.24 -3.79
N TYR A 191 12.55 -13.56 -3.51
CA TYR A 191 11.34 -13.69 -4.32
C TYR A 191 11.57 -13.18 -5.72
N GLU A 192 12.27 -12.07 -5.87
CA GLU A 192 12.53 -11.54 -7.20
C GLU A 192 13.25 -12.56 -8.07
N LYS A 193 14.27 -13.19 -7.52
CA LYS A 193 15.04 -14.21 -8.23
C LYS A 193 14.21 -15.34 -8.86
N THR A 194 13.07 -15.67 -8.26
CA THR A 194 12.30 -16.85 -8.61
C THR A 194 10.99 -16.34 -9.16
N LYS A 195 11.01 -15.97 -10.45
CA LYS A 195 9.98 -15.07 -11.03
C LYS A 195 10.57 -14.24 -12.21
N LYS B 24 -18.80 -9.57 -18.52
CA LYS B 24 -17.31 -9.76 -18.64
C LYS B 24 -16.74 -8.84 -19.70
N ASP B 25 -17.48 -8.73 -20.80
CA ASP B 25 -17.26 -7.64 -21.75
C ASP B 25 -18.57 -7.10 -22.38
N SER B 26 -19.65 -7.32 -21.64
CA SER B 26 -20.83 -6.48 -21.79
C SER B 26 -20.42 -5.04 -21.48
N LYS B 27 -21.14 -4.09 -22.07
CA LYS B 27 -20.80 -2.70 -21.87
C LYS B 27 -20.74 -2.27 -20.38
N PRO B 28 -21.74 -2.66 -19.55
CA PRO B 28 -21.72 -2.25 -18.15
C PRO B 28 -20.46 -2.68 -17.42
N GLU B 29 -19.95 -3.86 -17.73
CA GLU B 29 -18.71 -4.34 -17.13
C GLU B 29 -17.51 -3.60 -17.70
N LEU B 30 -17.55 -3.29 -18.98
CA LEU B 30 -16.45 -2.57 -19.59
C LEU B 30 -16.32 -1.15 -19.01
N ILE B 31 -17.44 -0.45 -18.88
CA ILE B 31 -17.37 0.91 -18.37
C ILE B 31 -16.94 0.93 -16.90
N LYS B 32 -17.35 -0.05 -16.10
CA LYS B 32 -16.86 -0.16 -14.73
C LYS B 32 -15.34 -0.33 -14.70
N LEU B 33 -14.87 -1.25 -15.53
CA LEU B 33 -13.46 -1.51 -15.57
C LEU B 33 -12.70 -0.26 -16.08
N TYR B 34 -13.19 0.38 -17.13
CA TYR B 34 -12.50 1.55 -17.68
C TYR B 34 -12.51 2.77 -16.77
N SER B 35 -13.59 2.93 -16.04
CA SER B 35 -13.67 4.02 -15.10
C SER B 35 -12.89 3.78 -13.81
N SER B 36 -12.43 2.54 -13.55
CA SER B 36 -11.56 2.21 -12.41
CA SER B 36 -11.59 2.27 -12.40
C SER B 36 -10.11 2.59 -12.67
N LEU B 37 -9.75 2.71 -13.94
CA LEU B 37 -8.39 3.09 -14.29
C LEU B 37 -7.91 4.33 -13.61
N GLY B 38 -6.69 4.31 -13.06
CA GLY B 38 -6.19 5.48 -12.43
C GLY B 38 -6.49 5.61 -10.96
N LYS B 39 -7.52 4.94 -10.48
CA LYS B 39 -7.97 5.16 -9.08
C LYS B 39 -6.92 4.69 -8.09
N ILE B 40 -6.21 3.61 -8.41
CA ILE B 40 -5.12 3.18 -7.55
C ILE B 40 -3.89 4.04 -7.79
N ILE B 41 -3.57 4.28 -9.04
CA ILE B 41 -2.37 5.05 -9.38
C ILE B 41 -2.35 6.46 -8.78
N THR B 42 -3.50 7.12 -8.76
CA THR B 42 -3.57 8.51 -8.30
C THR B 42 -3.84 8.61 -6.80
N SER B 43 -3.92 7.47 -6.11
CA SER B 43 -4.32 7.48 -4.70
CA SER B 43 -4.30 7.42 -4.69
C SER B 43 -3.22 7.84 -3.71
N SER B 44 -1.95 7.95 -4.14
CA SER B 44 -0.90 8.41 -3.21
C SER B 44 0.01 9.47 -3.79
N LEU B 45 0.56 10.32 -2.91
CA LEU B 45 1.55 11.30 -3.31
C LEU B 45 2.99 10.81 -3.18
N GLU B 46 3.20 9.66 -2.55
CA GLU B 46 4.56 9.23 -2.30
C GLU B 46 5.01 8.32 -3.45
N GLN B 47 6.21 8.56 -3.97
CA GLN B 47 6.65 7.85 -5.16
C GLN B 47 6.62 6.33 -5.06
N GLN B 48 7.07 5.78 -3.93
CA GLN B 48 7.09 4.33 -3.77
C GLN B 48 5.67 3.73 -3.83
N GLU B 49 4.69 4.37 -3.23
CA GLU B 49 3.33 3.94 -3.33
C GLU B 49 2.73 4.10 -4.73
N VAL B 50 3.11 5.17 -5.41
CA VAL B 50 2.65 5.34 -6.82
C VAL B 50 3.18 4.17 -7.67
N LEU B 51 4.44 3.85 -7.50
CA LEU B 51 5.05 2.76 -8.23
C LEU B 51 4.41 1.43 -7.94
N SER B 52 4.09 1.17 -6.68
CA SER B 52 3.34 -0.04 -6.34
C SER B 52 1.96 -0.05 -6.99
N ALA B 53 1.31 1.11 -7.04
CA ALA B 53 -0.02 1.22 -7.62
C ALA B 53 -0.02 0.99 -9.13
N VAL B 54 0.99 1.51 -9.79
CA VAL B 54 1.16 1.28 -11.21
C VAL B 54 1.28 -0.23 -11.47
N GLU B 56 0.11 -2.60 -9.66
CA GLU B 56 -1.18 -3.22 -9.47
C GLU B 56 -2.14 -3.10 -10.69
N GLU B 57 -2.18 -1.92 -11.30
CA GLU B 57 -3.05 -1.71 -12.46
C GLU B 57 -2.53 -2.39 -13.72
N VAL B 58 -1.23 -2.33 -13.96
CA VAL B 58 -0.62 -3.02 -15.07
C VAL B 58 -0.81 -4.54 -14.94
N ARG B 59 -0.60 -5.09 -13.75
CA ARG B 59 -0.78 -6.51 -13.54
C ARG B 59 -2.22 -6.91 -13.76
N LEU B 60 -3.15 -6.13 -13.23
CA LEU B 60 -4.57 -6.41 -13.42
C LEU B 60 -4.94 -6.48 -14.89
N PHE B 61 -4.52 -5.50 -15.68
CA PHE B 61 -4.96 -5.43 -17.06
C PHE B 61 -4.16 -6.30 -18.01
N PHE B 62 -2.88 -6.56 -17.71
CA PHE B 62 -2.03 -7.26 -18.65
C PHE B 62 -1.24 -8.46 -18.11
N SER B 63 -1.14 -8.62 -16.80
CA SER B 63 -0.24 -9.66 -16.21
C SER B 63 1.09 -9.91 -16.96
N PRO B 64 1.91 -8.89 -17.22
CA PRO B 64 3.08 -9.15 -18.06
C PRO B 64 4.22 -9.72 -17.23
N LYS B 65 4.89 -10.71 -17.77
CA LYS B 65 6.03 -11.31 -17.11
C LYS B 65 7.20 -10.33 -17.16
N ASN B 66 7.33 -9.57 -18.24
CA ASN B 66 8.34 -8.55 -18.40
C ASN B 66 7.78 -7.21 -18.81
N TRP B 67 7.95 -6.24 -17.92
CA TRP B 67 7.54 -4.88 -18.19
C TRP B 67 8.32 -3.94 -17.30
N SER B 68 8.35 -2.67 -17.68
CA SER B 68 9.13 -1.71 -16.95
C SER B 68 8.58 -0.30 -17.04
N LEU B 69 9.01 0.51 -16.07
CA LEU B 69 8.72 1.93 -16.05
C LEU B 69 10.04 2.63 -15.89
N ARG B 71 11.86 6.39 -15.77
CA ARG B 71 11.64 7.80 -15.57
C ARG B 71 12.63 8.61 -16.43
N TYR B 72 12.16 9.74 -16.95
CA TYR B 72 13.01 10.66 -17.73
C TYR B 72 13.49 11.80 -16.83
N ASP B 73 14.80 11.97 -16.78
CA ASP B 73 15.43 13.10 -16.12
C ASP B 73 15.63 14.24 -17.13
N GLU B 74 14.89 15.34 -16.96
CA GLU B 74 14.96 16.47 -17.91
C GLU B 74 16.35 17.07 -18.02
N ASN B 75 17.06 17.16 -16.90
CA ASN B 75 18.41 17.72 -16.88
C ASN B 75 19.41 16.93 -17.69
N SER B 76 19.65 15.68 -17.31
CA SER B 76 20.60 14.83 -18.05
C SER B 76 20.05 14.35 -19.39
N GLU B 77 18.77 14.57 -19.64
CA GLU B 77 18.09 13.97 -20.79
C GLU B 77 18.26 12.45 -20.85
N GLU B 78 18.23 11.79 -19.69
CA GLU B 78 18.37 10.35 -19.64
C GLU B 78 17.16 9.65 -19.02
N LEU B 79 17.00 8.39 -19.40
CA LEU B 79 16.00 7.51 -18.78
C LEU B 79 16.70 6.57 -17.82
N PHE B 80 16.05 6.27 -16.70
CA PHE B 80 16.50 5.25 -15.80
C PHE B 80 15.30 4.44 -15.33
N PHE B 81 15.56 3.20 -14.89
CA PHE B 81 14.53 2.32 -14.40
C PHE B 81 14.03 2.65 -12.99
N LEU B 82 12.71 2.71 -12.83
CA LEU B 82 12.08 2.71 -11.51
C LEU B 82 11.43 1.39 -11.25
N ILE B 83 10.91 0.77 -12.28
CA ILE B 83 10.31 -0.57 -12.19
C ILE B 83 10.87 -1.42 -13.32
N ALA B 84 11.22 -2.66 -13.00
CA ALA B 84 11.70 -3.60 -14.04
C ALA B 84 11.33 -4.99 -13.59
N GLU B 85 10.16 -5.45 -14.01
CA GLU B 85 9.67 -6.76 -13.62
CA GLU B 85 9.68 -6.74 -13.60
C GLU B 85 10.16 -7.79 -14.62
N GLY B 86 10.52 -8.97 -14.10
CA GLY B 86 10.97 -10.10 -14.92
C GLY B 86 12.46 -10.11 -15.25
N ILE B 87 13.17 -9.10 -14.79
CA ILE B 87 14.65 -9.12 -14.81
C ILE B 87 15.18 -8.60 -13.46
N GLN B 88 16.45 -8.85 -13.18
CA GLN B 88 17.02 -8.53 -11.86
C GLN B 88 17.31 -7.06 -11.79
N PHE B 89 16.72 -6.40 -10.78
CA PHE B 89 16.90 -4.96 -10.68
C PHE B 89 18.36 -4.56 -10.51
N ASN B 90 19.13 -5.38 -9.80
CA ASN B 90 20.57 -5.11 -9.66
C ASN B 90 21.33 -5.00 -10.97
N HIS B 91 20.94 -5.76 -11.98
CA HIS B 91 21.62 -5.74 -13.28
C HIS B 91 21.37 -4.43 -14.04
N ILE B 92 20.27 -3.75 -13.75
CA ILE B 92 19.89 -2.59 -14.55
C ILE B 92 19.86 -1.26 -13.79
N ARG B 93 20.13 -1.30 -12.49
CA ARG B 93 20.08 -0.09 -11.65
CA ARG B 93 20.09 -0.08 -11.65
C ARG B 93 20.95 1.05 -12.20
N SER B 94 22.09 0.70 -12.78
CA SER B 94 23.00 1.73 -13.29
C SER B 94 22.69 2.16 -14.72
N ILE B 95 21.80 1.46 -15.42
CA ILE B 95 21.53 1.80 -16.82
C ILE B 95 20.97 3.22 -16.92
N ARG B 96 21.51 3.98 -17.88
CA ARG B 96 20.99 5.27 -18.28
CA ARG B 96 21.00 5.29 -18.28
C ARG B 96 20.88 5.27 -19.80
N LEU B 97 19.70 5.58 -20.34
CA LEU B 97 19.56 5.70 -21.78
C LEU B 97 19.59 7.18 -22.14
N LYS B 98 20.41 7.57 -23.12
CA LYS B 98 20.42 8.96 -23.62
C LYS B 98 19.16 9.16 -24.42
N SER B 99 18.80 10.41 -24.71
CA SER B 99 17.59 10.66 -25.50
C SER B 99 17.85 10.08 -26.88
N GLY B 100 16.79 9.57 -27.50
CA GLY B 100 16.91 8.93 -28.80
C GLY B 100 17.48 7.54 -28.72
N GLU B 101 18.01 7.15 -27.56
CA GLU B 101 18.60 5.82 -27.43
C GLU B 101 17.56 4.76 -27.04
N GLY B 102 17.52 3.68 -27.81
CA GLY B 102 16.59 2.61 -27.62
C GLY B 102 15.21 2.96 -28.14
N ILE B 103 14.32 1.97 -28.16
CA ILE B 103 12.91 2.24 -28.40
C ILE B 103 12.41 3.25 -27.34
N ALA B 104 12.77 3.04 -26.07
CA ALA B 104 12.32 3.92 -25.00
C ALA B 104 12.76 5.34 -25.22
N GLY B 105 14.03 5.53 -25.61
CA GLY B 105 14.55 6.85 -25.95
C GLY B 105 13.87 7.50 -27.13
N SER B 106 13.51 6.70 -28.11
CA SER B 106 12.78 7.24 -29.27
C SER B 106 11.39 7.71 -28.91
N VAL B 107 10.72 6.98 -28.02
CA VAL B 107 9.42 7.42 -27.53
C VAL B 107 9.49 8.81 -26.90
N VAL B 108 10.52 9.03 -26.11
CA VAL B 108 10.70 10.36 -25.49
C VAL B 108 10.81 11.43 -26.56
N GLN B 109 11.59 11.15 -27.61
CA GLN B 109 11.77 12.13 -28.69
C GLN B 109 10.51 12.40 -29.49
N THR B 110 9.83 11.34 -29.90
CA THR B 110 8.67 11.45 -30.72
C THR B 110 7.42 11.78 -29.93
N LYS B 111 7.47 11.57 -28.62
CA LYS B 111 6.29 11.70 -27.77
C LYS B 111 5.12 10.84 -28.21
N SER B 112 5.40 9.68 -28.78
CA SER B 112 4.35 8.83 -29.30
C SER B 112 4.70 7.40 -29.01
N PRO B 113 3.67 6.55 -28.99
CA PRO B 113 3.91 5.15 -28.71
C PRO B 113 4.67 4.53 -29.84
N ILE B 114 5.37 3.46 -29.53
CA ILE B 114 6.02 2.68 -30.53
C ILE B 114 5.71 1.23 -30.24
N PHE B 115 5.20 0.53 -31.25
CA PHE B 115 5.05 -0.91 -31.20
C PHE B 115 6.04 -1.57 -32.16
N VAL B 116 6.74 -2.58 -31.67
CA VAL B 116 7.75 -3.25 -32.45
C VAL B 116 7.50 -4.73 -32.34
N GLU B 117 7.12 -5.34 -33.45
CA GLU B 117 6.86 -6.78 -33.51
C GLU B 117 8.13 -7.61 -33.46
N ASN B 118 9.23 -7.02 -33.87
CA ASN B 118 10.50 -7.72 -33.87
C ASN B 118 11.64 -6.72 -33.83
N VAL B 119 12.34 -6.69 -32.72
CA VAL B 119 13.36 -5.66 -32.50
C VAL B 119 14.58 -5.78 -33.42
N LYS B 120 14.77 -6.97 -34.02
CA LYS B 120 15.84 -7.19 -35.01
C LYS B 120 15.60 -6.38 -36.28
N ASN B 121 14.33 -6.11 -36.59
CA ASN B 121 13.97 -5.27 -37.73
C ASN B 121 13.80 -3.80 -37.38
N ASP B 122 14.29 -3.38 -36.21
CA ASP B 122 14.22 -1.97 -35.85
C ASP B 122 15.58 -1.41 -35.42
N PRO B 123 16.15 -0.51 -36.21
CA PRO B 123 17.46 0.05 -35.88
C PRO B 123 17.44 0.97 -34.63
N ARG B 124 16.26 1.36 -34.16
CA ARG B 124 16.15 2.17 -32.94
C ARG B 124 16.45 1.35 -31.65
N PHE B 125 16.26 0.03 -31.73
CA PHE B 125 16.42 -0.86 -30.59
C PHE B 125 17.79 -0.76 -29.96
N SER B 126 17.86 -0.92 -28.64
CA SER B 126 19.13 -0.92 -27.91
C SER B 126 19.31 -2.25 -27.22
N LYS B 127 20.43 -2.90 -27.53
CA LYS B 127 20.79 -4.19 -26.95
C LYS B 127 21.37 -4.06 -25.55
N LYS B 128 21.65 -2.84 -25.13
CA LYS B 128 22.43 -2.59 -23.90
C LYS B 128 21.87 -3.39 -22.72
N VAL B 129 20.53 -3.32 -22.52
CA VAL B 129 19.90 -3.98 -21.37
C VAL B 129 19.88 -5.52 -21.50
N ASP B 130 19.51 -6.04 -22.66
CA ASP B 130 19.62 -7.50 -22.88
C ASP B 130 21.04 -8.03 -22.56
N GLU B 131 22.07 -7.26 -22.92
CA GLU B 131 23.46 -7.66 -22.68
C GLU B 131 23.75 -7.76 -21.20
N LYS B 132 23.18 -6.84 -20.41
CA LYS B 132 23.32 -6.90 -18.93
C LYS B 132 22.49 -7.99 -18.29
N THR B 133 21.32 -8.29 -18.87
CA THR B 133 20.41 -9.20 -18.19
C THR B 133 20.50 -10.62 -18.69
N GLY B 134 20.96 -10.80 -19.92
CA GLY B 134 20.88 -12.10 -20.58
C GLY B 134 19.49 -12.51 -21.05
N PHE B 135 18.53 -11.58 -20.97
CA PHE B 135 17.17 -11.79 -21.47
C PHE B 135 17.21 -11.44 -22.95
N GLU B 136 16.41 -12.12 -23.77
CA GLU B 136 16.29 -11.76 -25.19
C GLU B 136 14.97 -11.06 -25.49
N THR B 137 15.08 -9.78 -25.83
CA THR B 137 13.91 -8.99 -26.17
C THR B 137 13.52 -9.30 -27.62
N LYS B 138 12.24 -9.60 -27.84
CA LYS B 138 11.71 -9.81 -29.17
C LYS B 138 10.69 -8.74 -29.56
N THR B 139 9.74 -8.47 -28.68
CA THR B 139 8.70 -7.46 -28.95
C THR B 139 8.62 -6.45 -27.83
N ILE B 140 8.27 -5.21 -28.21
CA ILE B 140 8.08 -4.12 -27.25
C ILE B 140 6.86 -3.32 -27.63
N ILE B 141 6.00 -3.06 -26.65
CA ILE B 141 5.13 -1.88 -26.74
C ILE B 141 5.60 -0.86 -25.71
N ALA B 142 5.86 0.35 -26.18
CA ALA B 142 6.39 1.42 -25.38
C ALA B 142 5.52 2.65 -25.52
N VAL B 143 5.08 3.18 -24.39
CA VAL B 143 4.24 4.38 -24.39
C VAL B 143 4.84 5.48 -23.55
N PRO B 144 4.76 6.74 -24.03
CA PRO B 144 5.22 7.86 -23.23
C PRO B 144 4.27 8.19 -22.07
N ILE B 146 3.07 11.36 -20.33
CA ILE B 146 3.06 12.78 -20.61
C ILE B 146 2.04 13.48 -19.75
N PHE B 147 2.47 14.60 -19.18
CA PHE B 147 1.58 15.43 -18.37
C PHE B 147 1.90 16.89 -18.65
N ARG B 148 0.88 17.66 -18.99
CA ARG B 148 1.04 19.06 -19.38
C ARG B 148 2.18 19.25 -20.38
N GLY B 149 2.19 18.40 -21.42
CA GLY B 149 3.19 18.49 -22.46
C GLY B 149 4.58 18.00 -22.12
N GLU B 150 4.88 17.68 -20.86
CA GLU B 150 6.20 17.15 -20.50
C GLU B 150 6.19 15.63 -20.40
N VAL B 151 7.27 15.06 -20.92
CA VAL B 151 7.52 13.65 -20.88
C VAL B 151 8.12 13.32 -19.53
N HIS B 152 7.49 12.43 -18.80
CA HIS B 152 8.00 12.01 -17.50
C HIS B 152 8.63 10.65 -17.55
N GLY B 153 8.51 9.93 -18.68
CA GLY B 153 9.08 8.59 -18.79
C GLY B 153 8.38 7.73 -19.81
N VAL B 154 8.60 6.43 -19.68
CA VAL B 154 8.11 5.45 -20.63
C VAL B 154 7.78 4.17 -19.89
N ILE B 155 6.68 3.55 -20.28
CA ILE B 155 6.29 2.21 -19.83
C ILE B 155 6.46 1.25 -21.00
N GLU B 156 7.15 0.13 -20.78
CA GLU B 156 7.36 -0.88 -21.80
C GLU B 156 6.77 -2.21 -21.36
N LEU B 157 6.01 -2.85 -22.23
CA LEU B 157 5.63 -4.24 -22.06
C LEU B 157 6.49 -5.03 -23.05
N VAL B 158 7.22 -6.01 -22.54
CA VAL B 158 8.26 -6.67 -23.31
C VAL B 158 7.89 -8.11 -23.51
N ASN B 159 7.98 -8.56 -24.76
CA ASN B 159 7.56 -9.91 -25.15
C ASN B 159 6.22 -10.30 -24.63
N ARG B 160 5.28 -9.37 -24.61
CA ARG B 160 3.93 -9.61 -24.08
C ARG B 160 2.89 -9.76 -25.21
N PHE B 161 3.10 -9.02 -26.28
CA PHE B 161 2.21 -8.96 -27.44
C PHE B 161 2.99 -9.22 -28.71
N ASP B 162 2.31 -9.73 -29.74
CA ASP B 162 2.84 -9.71 -31.11
C ASP B 162 1.80 -9.08 -32.05
N GLY B 163 2.11 -9.05 -33.35
CA GLY B 163 1.26 -8.45 -34.37
C GLY B 163 -0.18 -8.93 -34.38
N SER B 164 -0.42 -10.19 -34.00
CA SER B 164 -1.78 -10.73 -33.93
C SER B 164 -2.51 -10.40 -32.61
N SER B 165 -1.81 -10.37 -31.49
CA SER B 165 -2.51 -10.30 -30.24
C SER B 165 -2.69 -8.85 -29.72
N PHE B 166 -1.98 -7.89 -30.31
CA PHE B 166 -2.02 -6.51 -29.82
C PHE B 166 -3.18 -5.72 -30.39
N SER B 167 -4.17 -5.40 -29.55
CA SER B 167 -5.36 -4.67 -30.00
C SER B 167 -5.33 -3.18 -29.74
N PRO B 168 -6.20 -2.43 -30.44
CA PRO B 168 -6.32 -1.02 -30.16
C PRO B 168 -6.74 -0.76 -28.70
N GLU B 169 -7.61 -1.58 -28.14
CA GLU B 169 -8.02 -1.43 -26.76
CA GLU B 169 -8.04 -1.46 -26.73
C GLU B 169 -6.81 -1.56 -25.83
N ASP B 170 -5.96 -2.55 -26.07
CA ASP B 170 -4.75 -2.76 -25.25
C ASP B 170 -3.88 -1.53 -25.25
N LEU B 171 -3.68 -0.95 -26.43
CA LEU B 171 -2.94 0.25 -26.54
C LEU B 171 -3.53 1.42 -25.74
N VAL B 172 -4.82 1.65 -25.86
CA VAL B 172 -5.46 2.79 -25.19
C VAL B 172 -5.42 2.60 -23.67
N ILE B 173 -5.64 1.38 -23.21
CA ILE B 173 -5.56 1.09 -21.79
C ILE B 173 -4.18 1.44 -21.26
N LEU B 174 -3.16 1.05 -22.00
CA LEU B 174 -1.80 1.28 -21.59
CA LEU B 174 -1.80 1.26 -21.58
C LEU B 174 -1.44 2.75 -21.63
N GLN B 175 -1.89 3.43 -22.67
CA GLN B 175 -1.75 4.89 -22.72
C GLN B 175 -2.44 5.61 -21.56
N THR B 176 -3.61 5.14 -21.16
CA THR B 176 -4.36 5.72 -20.05
C THR B 176 -3.63 5.50 -18.72
N ILE B 177 -3.11 4.30 -18.51
CA ILE B 177 -2.21 4.04 -17.37
C ILE B 177 -1.04 4.99 -17.37
N ALA B 178 -0.43 5.18 -18.54
CA ALA B 178 0.71 6.09 -18.61
C ALA B 178 0.31 7.51 -18.29
N ASP B 179 -0.84 7.96 -18.78
CA ASP B 179 -1.37 9.29 -18.48
C ASP B 179 -1.54 9.54 -16.98
N PHE B 180 -2.23 8.64 -16.31
CA PHE B 180 -2.43 8.76 -14.86
C PHE B 180 -1.12 8.67 -14.09
N THR B 181 -0.19 7.83 -14.54
CA THR B 181 1.12 7.71 -13.88
C THR B 181 1.92 9.00 -14.02
N ALA B 182 1.82 9.64 -15.19
CA ALA B 182 2.46 10.94 -15.38
C ALA B 182 1.91 11.97 -14.41
N ILE B 183 0.59 12.03 -14.29
CA ILE B 183 -0.05 12.92 -13.34
C ILE B 183 0.48 12.65 -11.92
N SER B 184 0.47 11.38 -11.52
CA SER B 184 0.85 11.04 -10.14
C SER B 184 2.30 11.28 -9.86
N LEU B 185 3.17 10.97 -10.81
CA LEU B 185 4.60 11.20 -10.61
C LEU B 185 4.93 12.70 -10.58
N ALA B 186 4.23 13.50 -11.39
CA ALA B 186 4.48 14.93 -11.38
C ALA B 186 4.09 15.47 -10.00
N HIS B 187 2.93 15.06 -9.50
CA HIS B 187 2.47 15.54 -8.21
C HIS B 187 3.36 15.01 -7.05
N SER B 188 3.83 13.77 -7.16
CA SER B 188 4.72 13.24 -6.16
C SER B 188 6.02 14.06 -6.10
N ASP B 189 6.56 14.43 -7.28
CA ASP B 189 7.74 15.28 -7.31
C ASP B 189 7.47 16.64 -6.65
N GLN B 190 6.32 17.22 -6.95
CA GLN B 190 5.99 18.53 -6.46
C GLN B 190 5.74 18.49 -4.93
N TYR B 191 5.10 17.44 -4.46
CA TYR B 191 4.91 17.24 -3.03
C TYR B 191 6.25 17.02 -2.32
N GLU B 192 7.15 16.28 -2.93
CA GLU B 192 8.44 16.07 -2.29
C GLU B 192 9.16 17.39 -2.02
N LYS B 193 9.15 18.27 -3.01
CA LYS B 193 9.80 19.57 -2.91
C LYS B 193 9.44 20.38 -1.66
N THR B 194 8.22 20.23 -1.17
CA THR B 194 7.74 21.04 -0.05
C THR B 194 7.42 20.08 1.08
N LYS B 195 8.46 19.75 1.87
CA LYS B 195 8.48 18.49 2.65
C LYS B 195 9.95 17.91 2.75
N THR C 22 -6.04 -1.01 -37.57
CA THR C 22 -7.41 -0.74 -38.03
C THR C 22 -8.43 -1.03 -36.92
N LEU C 23 -9.42 -0.15 -36.84
CA LEU C 23 -10.41 -0.16 -35.78
C LEU C 23 -11.59 -1.02 -36.16
N LYS C 24 -12.02 -1.86 -35.23
CA LYS C 24 -13.19 -2.67 -35.42
C LYS C 24 -14.39 -2.22 -34.54
N ASP C 25 -14.15 -1.55 -33.42
CA ASP C 25 -15.25 -1.10 -32.57
C ASP C 25 -14.89 0.15 -31.80
N SER C 26 -15.85 0.64 -31.00
CA SER C 26 -15.73 1.88 -30.25
C SER C 26 -15.07 1.77 -28.84
N LYS C 27 -14.45 0.64 -28.53
CA LYS C 27 -13.80 0.49 -27.19
C LYS C 27 -12.78 1.54 -26.89
N PRO C 28 -11.91 1.89 -27.84
CA PRO C 28 -10.93 2.90 -27.56
C PRO C 28 -11.57 4.20 -27.13
N GLU C 29 -12.69 4.56 -27.75
CA GLU C 29 -13.34 5.82 -27.42
C GLU C 29 -14.03 5.72 -26.08
N LEU C 30 -14.56 4.55 -25.77
CA LEU C 30 -15.19 4.33 -24.46
C LEU C 30 -14.15 4.48 -23.35
N ILE C 31 -12.98 3.91 -23.54
CA ILE C 31 -11.95 4.03 -22.52
C ILE C 31 -11.51 5.46 -22.29
N LYS C 32 -11.28 6.17 -23.40
CA LYS C 32 -10.89 7.58 -23.31
C LYS C 32 -11.96 8.41 -22.62
N LEU C 33 -13.23 8.17 -22.92
CA LEU C 33 -14.26 8.92 -22.28
C LEU C 33 -14.33 8.66 -20.78
N TYR C 34 -14.37 7.38 -20.40
CA TYR C 34 -14.58 7.06 -18.98
C TYR C 34 -13.38 7.41 -18.12
N SER C 35 -12.18 7.35 -18.71
CA SER C 35 -10.98 7.70 -17.96
C SER C 35 -10.67 9.22 -17.99
N SER C 36 -11.36 10.00 -18.84
CA SER C 36 -11.10 11.44 -18.93
C SER C 36 -11.57 12.15 -17.66
N LEU C 37 -12.58 11.61 -17.01
CA LEU C 37 -13.17 12.22 -15.83
C LEU C 37 -12.09 12.37 -14.76
N GLY C 38 -11.41 11.27 -14.49
CA GLY C 38 -10.34 11.28 -13.50
C GLY C 38 -9.10 12.04 -13.91
N LYS C 39 -8.73 12.01 -15.18
CA LYS C 39 -7.60 12.84 -15.63
C LYS C 39 -7.86 14.34 -15.45
N ILE C 40 -9.08 14.77 -15.72
CA ILE C 40 -9.43 16.16 -15.50
C ILE C 40 -9.41 16.55 -14.01
N ILE C 41 -10.11 15.80 -13.20
CA ILE C 41 -10.28 16.12 -11.77
C ILE C 41 -8.97 16.05 -10.98
N THR C 42 -8.06 15.15 -11.36
CA THR C 42 -6.82 14.93 -10.60
C THR C 42 -5.67 15.77 -11.04
N SER C 43 -5.87 16.60 -12.03
CA SER C 43 -4.77 17.29 -12.63
C SER C 43 -4.12 18.36 -11.81
N SER C 44 -4.86 18.96 -10.88
CA SER C 44 -4.31 20.02 -10.09
C SER C 44 -4.24 19.58 -8.63
N LEU C 45 -3.26 20.10 -7.91
CA LEU C 45 -3.19 19.96 -6.45
C LEU C 45 -3.85 21.14 -5.69
N GLU C 46 -4.32 22.16 -6.40
CA GLU C 46 -4.92 23.31 -5.72
C GLU C 46 -6.42 23.14 -5.63
N GLN C 47 -6.94 23.30 -4.43
CA GLN C 47 -8.33 23.02 -4.21
C GLN C 47 -9.30 23.75 -5.15
N GLN C 48 -9.07 25.04 -5.38
CA GLN C 48 -9.97 25.84 -6.20
CA GLN C 48 -10.01 25.81 -6.18
C GLN C 48 -10.06 25.26 -7.62
N GLU C 49 -8.91 24.86 -8.15
CA GLU C 49 -8.87 24.22 -9.46
C GLU C 49 -9.56 22.86 -9.49
N VAL C 50 -9.39 22.09 -8.43
CA VAL C 50 -10.07 20.80 -8.34
C VAL C 50 -11.59 21.02 -8.37
N LEU C 51 -12.05 21.97 -7.57
CA LEU C 51 -13.47 22.25 -7.47
C LEU C 51 -14.01 22.70 -8.81
N SER C 52 -13.26 23.54 -9.49
CA SER C 52 -13.65 24.03 -10.81
C SER C 52 -13.68 22.90 -11.87
N ALA C 53 -12.74 21.99 -11.79
CA ALA C 53 -12.77 20.80 -12.64
C ALA C 53 -14.00 19.95 -12.34
N VAL C 54 -14.34 19.73 -11.07
CA VAL C 54 -15.54 18.98 -10.73
C VAL C 54 -16.79 19.65 -11.31
N GLU C 56 -17.12 21.64 -13.82
CA GLU C 56 -17.12 21.50 -15.28
C GLU C 56 -17.70 20.15 -15.69
N GLU C 57 -17.24 19.08 -15.03
CA GLU C 57 -17.63 17.74 -15.44
C GLU C 57 -19.05 17.46 -15.05
N VAL C 58 -19.44 17.86 -13.84
CA VAL C 58 -20.80 17.64 -13.41
C VAL C 58 -21.78 18.40 -14.30
N ARG C 59 -21.45 19.65 -14.64
CA ARG C 59 -22.30 20.40 -15.53
C ARG C 59 -22.41 19.75 -16.90
N LEU C 60 -21.27 19.34 -17.45
CA LEU C 60 -21.25 18.72 -18.75
C LEU C 60 -22.17 17.49 -18.77
N PHE C 61 -22.02 16.60 -17.80
CA PHE C 61 -22.68 15.32 -17.88
C PHE C 61 -24.10 15.37 -17.39
N PHE C 62 -24.43 16.30 -16.50
CA PHE C 62 -25.76 16.30 -15.86
C PHE C 62 -26.52 17.64 -15.88
N SER C 63 -25.85 18.76 -16.17
CA SER C 63 -26.48 20.08 -16.15
C SER C 63 -27.48 20.26 -15.04
N PRO C 64 -27.09 20.06 -13.79
CA PRO C 64 -28.11 20.17 -12.80
C PRO C 64 -28.29 21.62 -12.35
N LYS C 65 -29.53 22.09 -12.22
CA LYS C 65 -29.79 23.43 -11.70
C LYS C 65 -29.43 23.45 -10.22
N ASN C 66 -29.66 22.34 -9.52
CA ASN C 66 -29.35 22.23 -8.09
C ASN C 66 -28.53 20.99 -7.80
N TRP C 67 -27.29 21.22 -7.37
CA TRP C 67 -26.45 20.14 -6.97
C TRP C 67 -25.41 20.66 -6.00
N SER C 68 -24.80 19.76 -5.26
CA SER C 68 -23.85 20.16 -4.28
C SER C 68 -22.79 19.10 -4.00
N LEU C 69 -21.68 19.56 -3.45
CA LEU C 69 -20.63 18.71 -2.98
C LEU C 69 -20.39 19.07 -1.53
N ARG C 71 -18.13 18.01 1.82
CA ARG C 71 -16.96 17.33 2.31
C ARG C 71 -17.24 16.77 3.70
N TYR C 72 -16.69 15.59 3.99
CA TYR C 72 -16.79 14.97 5.31
C TYR C 72 -15.52 15.26 6.11
N ASP C 73 -15.71 15.83 7.30
CA ASP C 73 -14.61 16.07 8.24
C ASP C 73 -14.51 14.87 9.17
N GLU C 74 -13.44 14.10 9.06
CA GLU C 74 -13.28 12.87 9.85
C GLU C 74 -13.28 13.15 11.36
N ASN C 75 -12.67 14.27 11.77
CA ASN C 75 -12.60 14.65 13.19
C ASN C 75 -13.97 14.92 13.81
N SER C 76 -14.68 15.93 13.31
CA SER C 76 -16.01 16.25 13.82
C SER C 76 -17.09 15.28 13.38
N GLU C 77 -16.77 14.36 12.46
CA GLU C 77 -17.78 13.49 11.85
C GLU C 77 -18.94 14.28 11.26
N GLU C 78 -18.62 15.42 10.65
CA GLU C 78 -19.64 16.25 10.03
C GLU C 78 -19.41 16.51 8.55
N LEU C 79 -20.50 16.77 7.84
CA LEU C 79 -20.47 17.19 6.46
C LEU C 79 -20.67 18.70 6.42
N PHE C 80 -19.95 19.38 5.51
CA PHE C 80 -20.18 20.78 5.21
C PHE C 80 -20.08 21.00 3.72
N PHE C 81 -20.69 22.09 3.25
CA PHE C 81 -20.75 22.39 1.84
C PHE C 81 -19.46 23.00 1.31
N LEU C 82 -18.98 22.49 0.18
CA LEU C 82 -17.93 23.15 -0.59
C LEU C 82 -18.52 23.75 -1.86
N ILE C 83 -19.49 23.06 -2.44
CA ILE C 83 -20.16 23.54 -3.64
C ILE C 83 -21.65 23.40 -3.39
N ALA C 84 -22.39 24.43 -3.77
CA ALA C 84 -23.85 24.40 -3.66
C ALA C 84 -24.41 25.27 -4.76
N GLU C 85 -24.73 24.65 -5.88
CA GLU C 85 -25.27 25.36 -7.02
C GLU C 85 -26.79 25.39 -6.99
N GLY C 86 -27.38 26.53 -7.40
CA GLY C 86 -28.84 26.73 -7.37
C GLY C 86 -29.46 27.23 -6.04
N ILE C 87 -28.63 27.44 -5.02
CA ILE C 87 -29.02 28.11 -3.78
C ILE C 87 -27.91 29.06 -3.34
N GLN C 88 -28.22 29.96 -2.41
CA GLN C 88 -27.25 30.98 -1.99
C GLN C 88 -26.25 30.38 -1.04
N PHE C 89 -24.96 30.46 -1.36
CA PHE C 89 -23.95 29.90 -0.49
C PHE C 89 -23.96 30.49 0.91
N ASN C 90 -24.27 31.78 1.03
CA ASN C 90 -24.31 32.42 2.35
C ASN C 90 -25.29 31.78 3.30
N HIS C 91 -26.38 31.27 2.78
CA HIS C 91 -27.40 30.64 3.61
C HIS C 91 -26.95 29.31 4.18
N ILE C 92 -25.99 28.64 3.53
CA ILE C 92 -25.64 27.28 3.94
C ILE C 92 -24.19 27.10 4.41
N ARG C 93 -23.41 28.18 4.37
CA ARG C 93 -22.02 28.13 4.80
C ARG C 93 -21.83 27.52 6.19
N SER C 94 -22.77 27.79 7.10
CA SER C 94 -22.62 27.33 8.48
C SER C 94 -23.23 25.96 8.72
N ILE C 95 -23.97 25.42 7.75
CA ILE C 95 -24.60 24.12 7.94
C ILE C 95 -23.58 23.02 8.17
N ARG C 96 -23.84 22.19 9.18
CA ARG C 96 -23.05 20.99 9.49
C ARG C 96 -24.02 19.86 9.67
N LEU C 97 -23.83 18.76 8.97
CA LEU C 97 -24.66 17.59 9.18
C LEU C 97 -23.87 16.55 9.96
N LYS C 98 -24.45 16.04 11.05
CA LYS C 98 -23.81 14.98 11.83
C LYS C 98 -23.85 13.74 10.97
N SER C 99 -23.07 12.73 11.33
CA SER C 99 -23.15 11.47 10.62
C SER C 99 -24.55 10.88 10.85
N GLY C 100 -25.07 10.19 9.85
CA GLY C 100 -26.45 9.67 9.89
C GLY C 100 -27.53 10.72 9.67
N GLU C 101 -27.17 12.00 9.68
CA GLU C 101 -28.15 13.07 9.51
C GLU C 101 -28.36 13.43 8.04
N GLY C 102 -29.62 13.44 7.62
CA GLY C 102 -30.00 13.73 6.25
C GLY C 102 -29.77 12.54 5.35
N ILE C 103 -30.23 12.65 4.11
CA ILE C 103 -29.85 11.68 3.08
C ILE C 103 -28.32 11.66 2.95
N ALA C 104 -27.71 12.83 2.93
CA ALA C 104 -26.26 12.92 2.76
C ALA C 104 -25.53 12.19 3.91
N GLY C 105 -25.98 12.42 5.15
CA GLY C 105 -25.40 11.73 6.33
C GLY C 105 -25.62 10.23 6.31
N SER C 106 -26.75 9.80 5.79
CA SER C 106 -26.98 8.34 5.64
C SER C 106 -26.05 7.69 4.60
N VAL C 107 -25.74 8.43 3.53
CA VAL C 107 -24.78 7.93 2.54
C VAL C 107 -23.44 7.66 3.20
N VAL C 108 -23.03 8.56 4.08
CA VAL C 108 -21.74 8.37 4.75
C VAL C 108 -21.76 7.07 5.57
N GLN C 109 -22.89 6.82 6.24
CA GLN C 109 -23.02 5.62 7.07
C GLN C 109 -23.09 4.32 6.26
N THR C 110 -23.91 4.32 5.23
CA THR C 110 -24.07 3.15 4.40
C THR C 110 -22.96 2.99 3.35
N LYS C 111 -22.21 4.05 3.09
CA LYS C 111 -21.19 4.06 2.04
C LYS C 111 -21.74 3.68 0.68
N SER C 112 -23.01 3.98 0.45
CA SER C 112 -23.62 3.59 -0.81
C SER C 112 -24.48 4.73 -1.28
N PRO C 113 -24.75 4.76 -2.58
CA PRO C 113 -25.65 5.78 -3.10
C PRO C 113 -27.05 5.64 -2.52
N ILE C 114 -27.79 6.74 -2.49
CA ILE C 114 -29.19 6.72 -2.14
C ILE C 114 -29.96 7.53 -3.15
N PHE C 115 -31.02 6.93 -3.70
CA PHE C 115 -31.95 7.61 -4.59
C PHE C 115 -33.28 7.75 -3.86
N VAL C 116 -33.81 8.98 -3.84
CA VAL C 116 -35.08 9.26 -3.16
C VAL C 116 -35.99 10.00 -4.12
N GLU C 117 -37.07 9.34 -4.53
CA GLU C 117 -38.05 9.91 -5.46
C GLU C 117 -38.91 10.98 -4.80
N ASN C 118 -39.08 10.90 -3.49
CA ASN C 118 -39.86 11.90 -2.76
C ASN C 118 -39.43 11.96 -1.32
N VAL C 119 -38.81 13.08 -0.95
CA VAL C 119 -38.19 13.20 0.36
C VAL C 119 -39.19 13.26 1.51
N LYS C 120 -40.45 13.59 1.20
CA LYS C 120 -41.53 13.56 2.20
C LYS C 120 -41.80 12.15 2.70
N ASN C 121 -41.57 11.16 1.85
CA ASN C 121 -41.76 9.78 2.26
C ASN C 121 -40.50 9.11 2.82
N ASP C 122 -39.48 9.90 3.14
CA ASP C 122 -38.24 9.32 3.64
C ASP C 122 -37.89 9.95 4.97
N PRO C 123 -37.93 9.14 6.04
CA PRO C 123 -37.55 9.64 7.35
C PRO C 123 -36.08 10.08 7.49
N ARG C 124 -35.20 9.66 6.57
CA ARG C 124 -33.78 10.03 6.66
C ARG C 124 -33.56 11.49 6.27
N PHE C 125 -34.48 12.05 5.50
CA PHE C 125 -34.34 13.41 4.97
C PHE C 125 -34.17 14.44 6.06
N SER C 126 -33.39 15.48 5.80
CA SER C 126 -33.24 16.60 6.72
C SER C 126 -33.73 17.88 6.07
N LYS C 127 -34.71 18.53 6.75
CA LYS C 127 -35.30 19.78 6.29
C LYS C 127 -34.42 20.99 6.57
N LYS C 128 -33.36 20.77 7.33
CA LYS C 128 -32.58 21.87 7.86
C LYS C 128 -32.21 22.88 6.76
N VAL C 129 -31.71 22.36 5.63
CA VAL C 129 -31.23 23.21 4.54
C VAL C 129 -32.35 23.93 3.79
N ASP C 130 -33.42 23.22 3.45
CA ASP C 130 -34.59 23.87 2.83
C ASP C 130 -35.13 25.04 3.70
N GLU C 131 -35.11 24.84 5.01
CA GLU C 131 -35.55 25.90 5.94
C GLU C 131 -34.66 27.13 5.85
N LYS C 132 -33.36 26.94 5.68
CA LYS C 132 -32.44 28.06 5.51
C LYS C 132 -32.53 28.71 4.13
N THR C 133 -32.83 27.93 3.11
CA THR C 133 -32.76 28.43 1.74
C THR C 133 -34.08 28.87 1.20
N GLY C 134 -35.16 28.30 1.72
CA GLY C 134 -36.49 28.50 1.12
C GLY C 134 -36.69 27.76 -0.19
N PHE C 135 -35.78 26.86 -0.53
CA PHE C 135 -35.94 25.97 -1.67
C PHE C 135 -36.72 24.76 -1.18
N GLU C 136 -37.54 24.16 -2.04
CA GLU C 136 -38.21 22.91 -1.69
C GLU C 136 -37.60 21.69 -2.38
N THR C 137 -36.95 20.85 -1.58
CA THR C 137 -36.33 19.64 -2.10
C THR C 137 -37.41 18.59 -2.29
N LYS C 138 -37.45 17.97 -3.47
CA LYS C 138 -38.40 16.88 -3.75
C LYS C 138 -37.69 15.56 -4.02
N THR C 139 -36.65 15.59 -4.87
CA THR C 139 -35.89 14.39 -5.18
C THR C 139 -34.40 14.60 -4.94
N ILE C 140 -33.72 13.53 -4.54
CA ILE C 140 -32.28 13.55 -4.36
C ILE C 140 -31.64 12.28 -4.93
N ILE C 141 -30.56 12.46 -5.68
CA ILE C 141 -29.57 11.40 -5.89
C ILE C 141 -28.31 11.80 -5.18
N ALA C 142 -27.85 10.93 -4.29
CA ALA C 142 -26.69 11.20 -3.46
C ALA C 142 -25.69 10.07 -3.56
N VAL C 143 -24.44 10.40 -3.89
CA VAL C 143 -23.38 9.42 -4.00
C VAL C 143 -22.24 9.73 -3.07
N PRO C 144 -21.65 8.69 -2.46
CA PRO C 144 -20.49 8.90 -1.64
C PRO C 144 -19.25 9.16 -2.46
N ILE C 146 -15.68 8.16 -2.42
CA ILE C 146 -14.98 7.06 -1.76
C ILE C 146 -13.50 7.18 -2.04
N PHE C 147 -12.70 7.09 -0.98
CA PHE C 147 -11.26 7.08 -1.08
C PHE C 147 -10.73 6.04 -0.09
N ARG C 148 -9.98 5.06 -0.60
CA ARG C 148 -9.45 3.96 0.22
C ARG C 148 -10.53 3.33 1.08
N GLY C 149 -11.65 3.00 0.43
CA GLY C 149 -12.76 2.34 1.07
C GLY C 149 -13.63 3.18 2.00
N GLU C 150 -13.23 4.41 2.32
CA GLU C 150 -14.03 5.28 3.21
C GLU C 150 -14.74 6.43 2.48
N VAL C 151 -15.77 7.00 3.12
CA VAL C 151 -16.50 8.12 2.59
C VAL C 151 -15.86 9.43 3.00
N HIS C 152 -15.48 10.25 2.00
CA HIS C 152 -14.88 11.57 2.24
C HIS C 152 -15.79 12.74 1.90
N GLY C 153 -17.01 12.42 1.49
CA GLY C 153 -18.00 13.42 1.21
C GLY C 153 -19.13 12.82 0.42
N VAL C 154 -20.02 13.70 -0.03
CA VAL C 154 -21.21 13.30 -0.78
C VAL C 154 -21.53 14.34 -1.84
N ILE C 155 -21.91 13.88 -3.02
CA ILE C 155 -22.37 14.73 -4.10
C ILE C 155 -23.86 14.47 -4.23
N GLU C 156 -24.65 15.53 -4.25
CA GLU C 156 -26.09 15.41 -4.43
C GLU C 156 -26.55 16.13 -5.68
N LEU C 157 -27.41 15.47 -6.44
CA LEU C 157 -28.16 16.13 -7.49
C LEU C 157 -29.59 16.24 -6.99
N VAL C 158 -30.10 17.47 -6.98
CA VAL C 158 -31.38 17.74 -6.30
C VAL C 158 -32.44 18.16 -7.31
N ASN C 159 -33.63 17.56 -7.20
CA ASN C 159 -34.74 17.81 -8.12
C ASN C 159 -34.34 17.76 -9.56
N ARG C 160 -33.50 16.83 -9.93
CA ARG C 160 -33.06 16.79 -11.30
C ARG C 160 -34.04 16.11 -12.26
N PHE C 161 -34.49 16.90 -13.24
CA PHE C 161 -35.45 16.43 -14.23
C PHE C 161 -34.76 15.56 -15.27
N SER C 165 -34.72 10.20 -15.80
CA SER C 165 -34.57 8.86 -15.22
C SER C 165 -33.08 8.49 -15.22
N PHE C 166 -32.56 8.10 -14.05
CA PHE C 166 -31.12 8.04 -13.88
C PHE C 166 -30.53 6.69 -14.29
N SER C 167 -29.86 6.64 -15.44
CA SER C 167 -29.43 5.37 -16.03
C SER C 167 -28.26 4.78 -15.25
N PRO C 168 -28.00 3.49 -15.44
CA PRO C 168 -26.81 2.88 -14.82
C PRO C 168 -25.52 3.53 -15.27
N GLU C 169 -25.47 3.99 -16.52
CA GLU C 169 -24.30 4.74 -17.01
C GLU C 169 -24.14 6.06 -16.25
N ASP C 170 -25.24 6.78 -16.07
CA ASP C 170 -25.20 8.05 -15.32
C ASP C 170 -24.61 7.79 -13.95
N LEU C 171 -25.05 6.73 -13.31
CA LEU C 171 -24.57 6.41 -11.97
C LEU C 171 -23.07 6.19 -11.96
N VAL C 172 -22.57 5.41 -12.91
CA VAL C 172 -21.13 5.12 -12.98
C VAL C 172 -20.35 6.41 -13.23
N ILE C 173 -20.84 7.25 -14.12
CA ILE C 173 -20.18 8.54 -14.37
C ILE C 173 -20.11 9.37 -13.07
N LEU C 174 -21.22 9.43 -12.34
CA LEU C 174 -21.28 10.23 -11.14
C LEU C 174 -20.42 9.65 -10.03
N GLN C 175 -20.45 8.33 -9.89
CA GLN C 175 -19.61 7.68 -8.88
CA GLN C 175 -19.60 7.65 -8.90
C GLN C 175 -18.15 7.90 -9.20
N THR C 176 -17.80 7.91 -10.49
CA THR C 176 -16.41 8.09 -10.89
C THR C 176 -15.95 9.52 -10.57
N ILE C 177 -16.79 10.50 -10.90
CA ILE C 177 -16.53 11.88 -10.52
C ILE C 177 -16.34 11.98 -9.00
N ALA C 178 -17.22 11.35 -8.25
CA ALA C 178 -17.13 11.36 -6.79
C ALA C 178 -15.84 10.75 -6.27
N ASP C 179 -15.45 9.58 -6.79
CA ASP C 179 -14.29 8.93 -6.23
C ASP C 179 -13.04 9.72 -6.54
N PHE C 180 -12.94 10.20 -7.79
CA PHE C 180 -11.74 10.95 -8.15
C PHE C 180 -11.67 12.29 -7.43
N THR C 181 -12.81 12.87 -7.13
CA THR C 181 -12.81 14.12 -6.36
C THR C 181 -12.31 13.89 -4.91
N ALA C 182 -12.71 12.78 -4.29
CA ALA C 182 -12.12 12.40 -2.98
C ALA C 182 -10.63 12.27 -3.05
N ILE C 183 -10.14 11.58 -4.07
CA ILE C 183 -8.68 11.45 -4.26
C ILE C 183 -8.02 12.81 -4.37
N SER C 184 -8.56 13.65 -5.24
CA SER C 184 -7.93 14.94 -5.49
C SER C 184 -7.97 15.88 -4.33
N LEU C 185 -9.09 15.91 -3.65
CA LEU C 185 -9.22 16.76 -2.49
C LEU C 185 -8.31 16.28 -1.36
N ALA C 186 -8.14 14.98 -1.20
CA ALA C 186 -7.25 14.46 -0.14
C ALA C 186 -5.86 14.93 -0.43
N HIS C 187 -5.43 14.84 -1.69
CA HIS C 187 -4.10 15.29 -2.02
C HIS C 187 -3.94 16.81 -1.94
N SER C 188 -4.97 17.56 -2.36
CA SER C 188 -4.93 19.05 -2.23
C SER C 188 -4.83 19.45 -0.75
N ASP C 189 -5.54 18.76 0.13
CA ASP C 189 -5.41 19.02 1.56
C ASP C 189 -3.99 18.74 2.05
N GLN C 190 -3.45 17.61 1.63
CA GLN C 190 -2.13 17.18 2.12
C GLN C 190 -1.07 18.12 1.59
N TYR C 191 -1.22 18.55 0.33
CA TYR C 191 -0.30 19.50 -0.26
C TYR C 191 -0.40 20.88 0.40
N GLU C 192 -1.61 21.35 0.67
CA GLU C 192 -1.82 22.71 1.21
C GLU C 192 -1.39 22.84 2.69
N LYS C 193 -1.30 21.75 3.44
CA LYS C 193 -0.59 21.75 4.73
C LYS C 193 0.82 22.38 4.70
N THR C 194 1.47 22.36 3.54
CA THR C 194 2.78 23.00 3.34
C THR C 194 2.75 23.96 2.17
N THR D 22 23.09 4.76 30.03
CA THR D 22 22.70 4.07 31.26
C THR D 22 21.18 3.84 31.28
N LEU D 23 20.81 2.68 31.80
CA LEU D 23 19.44 2.19 31.78
C LEU D 23 18.71 2.65 33.00
N LYS D 24 17.50 3.15 32.81
CA LYS D 24 16.64 3.53 33.89
C LYS D 24 15.41 2.60 34.08
N ASP D 25 15.02 1.85 33.04
CA ASP D 25 13.90 0.92 33.16
C ASP D 25 14.00 -0.23 32.15
N SER D 26 13.06 -1.16 32.22
CA SER D 26 13.04 -2.38 31.44
C SER D 26 12.39 -2.24 30.00
N LYS D 27 12.14 -1.02 29.51
CA LYS D 27 11.50 -0.83 28.17
C LYS D 27 12.24 -1.47 27.05
N PRO D 28 13.58 -1.32 27.02
CA PRO D 28 14.34 -2.01 25.99
C PRO D 28 14.12 -3.52 25.94
N GLU D 29 13.99 -4.15 27.10
CA GLU D 29 13.78 -5.58 27.16
C GLU D 29 12.37 -5.92 26.80
N LEU D 30 11.41 -5.07 27.17
CA LEU D 30 10.03 -5.29 26.74
C LEU D 30 9.92 -5.24 25.23
N ILE D 31 10.57 -4.28 24.60
CA ILE D 31 10.49 -4.17 23.13
C ILE D 31 11.09 -5.39 22.43
N LYS D 32 12.25 -5.80 22.91
CA LYS D 32 12.94 -6.97 22.37
C LYS D 32 12.09 -8.21 22.54
N LEU D 33 11.45 -8.37 23.69
CA LEU D 33 10.60 -9.52 23.87
C LEU D 33 9.42 -9.54 22.93
N TYR D 34 8.65 -8.45 22.90
CA TYR D 34 7.41 -8.45 22.14
C TYR D 34 7.67 -8.53 20.64
N SER D 35 8.77 -7.96 20.19
CA SER D 35 9.10 -7.98 18.78
C SER D 35 9.84 -9.22 18.36
N SER D 36 10.31 -10.03 19.32
CA SER D 36 11.02 -11.27 18.95
C SER D 36 10.09 -12.29 18.29
N LEU D 37 8.82 -12.24 18.65
CA LEU D 37 7.85 -13.24 18.20
C LEU D 37 7.80 -13.17 16.66
N GLY D 38 7.62 -11.95 16.17
CA GLY D 38 7.56 -11.76 14.73
C GLY D 38 8.84 -11.96 13.99
N LYS D 39 9.96 -11.61 14.58
CA LYS D 39 11.22 -11.90 13.94
C LYS D 39 11.46 -13.42 13.76
N ILE D 40 11.07 -14.21 14.75
CA ILE D 40 11.24 -15.66 14.68
C ILE D 40 10.31 -16.25 13.58
N ILE D 41 9.04 -15.93 13.65
CA ILE D 41 8.04 -16.49 12.77
C ILE D 41 8.22 -16.09 11.29
N THR D 42 8.69 -14.86 11.02
CA THR D 42 8.80 -14.38 9.67
C THR D 42 10.11 -14.69 9.02
N SER D 43 11.03 -15.34 9.72
CA SER D 43 12.38 -15.40 9.18
C SER D 43 12.53 -16.37 8.03
N SER D 44 11.61 -17.31 7.83
CA SER D 44 11.76 -18.25 6.74
C SER D 44 10.62 -18.10 5.76
N LEU D 45 10.91 -18.37 4.50
CA LEU D 45 9.89 -18.46 3.47
C LEU D 45 9.36 -19.89 3.24
N GLU D 46 9.94 -20.89 3.89
CA GLU D 46 9.49 -22.27 3.70
C GLU D 46 8.47 -22.65 4.74
N GLN D 47 7.34 -23.18 4.28
CA GLN D 47 6.22 -23.42 5.16
C GLN D 47 6.57 -24.27 6.38
N GLN D 48 7.34 -25.33 6.19
CA GLN D 48 7.63 -26.20 7.31
C GLN D 48 8.39 -25.47 8.40
N GLU D 49 9.32 -24.61 8.02
CA GLU D 49 10.09 -23.80 8.98
C GLU D 49 9.24 -22.77 9.69
N VAL D 50 8.29 -22.19 8.95
CA VAL D 50 7.35 -21.27 9.57
C VAL D 50 6.52 -21.99 10.64
N LEU D 51 5.99 -23.17 10.28
CA LEU D 51 5.20 -23.93 11.19
C LEU D 51 6.00 -24.31 12.41
N SER D 52 7.25 -24.75 12.22
CA SER D 52 8.12 -25.12 13.36
C SER D 52 8.42 -23.92 14.25
N ALA D 53 8.64 -22.75 13.64
CA ALA D 53 8.79 -21.51 14.42
C ALA D 53 7.55 -21.18 15.23
N VAL D 54 6.36 -21.29 14.64
CA VAL D 54 5.13 -21.09 15.39
C VAL D 54 5.01 -22.07 16.58
N GLU D 56 7.33 -23.62 18.19
CA GLU D 56 8.33 -23.24 19.20
C GLU D 56 7.83 -22.12 20.10
N GLU D 57 7.23 -21.09 19.50
CA GLU D 57 6.78 -19.96 20.27
C GLU D 57 5.54 -20.25 21.08
N VAL D 58 4.58 -20.96 20.47
CA VAL D 58 3.38 -21.32 21.18
C VAL D 58 3.69 -22.24 22.37
N ARG D 59 4.58 -23.21 22.16
CA ARG D 59 4.98 -24.09 23.25
CA ARG D 59 4.97 -24.11 23.24
C ARG D 59 5.66 -23.32 24.35
N LEU D 60 6.60 -22.45 23.99
CA LEU D 60 7.29 -21.65 25.00
C LEU D 60 6.33 -20.83 25.84
N PHE D 61 5.42 -20.10 25.20
CA PHE D 61 4.64 -19.12 25.93
C PHE D 61 3.44 -19.72 26.62
N PHE D 62 2.93 -20.85 26.10
CA PHE D 62 1.71 -21.44 26.64
C PHE D 62 1.76 -22.94 27.01
N SER D 63 2.75 -23.69 26.52
CA SER D 63 2.84 -25.16 26.73
C SER D 63 1.50 -25.86 26.65
N PRO D 64 0.78 -25.75 25.54
CA PRO D 64 -0.53 -26.37 25.59
C PRO D 64 -0.45 -27.82 25.17
N LYS D 65 -1.12 -28.71 25.89
CA LYS D 65 -1.17 -30.12 25.48
C LYS D 65 -1.97 -30.26 24.20
N ASN D 66 -3.00 -29.44 24.06
CA ASN D 66 -3.85 -29.44 22.89
C ASN D 66 -4.03 -28.05 22.31
N TRP D 67 -3.54 -27.86 21.09
CA TRP D 67 -3.72 -26.64 20.40
C TRP D 67 -3.60 -26.90 18.93
N SER D 68 -4.07 -25.95 18.14
CA SER D 68 -4.05 -26.12 16.72
C SER D 68 -3.95 -24.80 15.96
N LEU D 69 -3.53 -24.93 14.71
CA LEU D 69 -3.56 -23.86 13.77
C LEU D 69 -4.35 -24.34 12.55
N ARG D 71 -5.82 -23.08 8.87
CA ARG D 71 -5.68 -22.12 7.80
CA ARG D 71 -5.70 -22.06 7.84
C ARG D 71 -7.04 -21.91 7.13
N TYR D 72 -7.33 -20.67 6.73
CA TYR D 72 -8.56 -20.34 6.01
C TYR D 72 -8.27 -20.28 4.53
N ASP D 73 -9.00 -21.05 3.75
CA ASP D 73 -8.90 -21.04 2.29
C ASP D 73 -9.93 -20.07 1.75
N GLU D 74 -9.46 -18.97 1.17
CA GLU D 74 -10.34 -17.90 0.70
C GLU D 74 -11.31 -18.41 -0.36
N ASN D 75 -10.84 -19.31 -1.23
CA ASN D 75 -11.67 -19.85 -2.31
C ASN D 75 -12.85 -20.67 -1.80
N SER D 76 -12.58 -21.76 -1.10
CA SER D 76 -13.64 -22.60 -0.55
C SER D 76 -14.33 -21.99 0.69
N GLU D 77 -13.81 -20.88 1.21
CA GLU D 77 -14.30 -20.35 2.51
C GLU D 77 -14.31 -21.41 3.62
N GLU D 78 -13.29 -22.27 3.62
CA GLU D 78 -13.17 -23.30 4.63
C GLU D 78 -11.87 -23.22 5.44
N LEU D 79 -11.94 -23.75 6.66
CA LEU D 79 -10.78 -23.90 7.52
C LEU D 79 -10.34 -25.34 7.47
N PHE D 80 -9.03 -25.56 7.48
CA PHE D 80 -8.48 -26.88 7.61
C PHE D 80 -7.29 -26.81 8.55
N PHE D 81 -6.93 -27.97 9.11
CA PHE D 81 -5.83 -28.05 10.01
C PHE D 81 -4.47 -28.04 9.32
N LEU D 82 -3.56 -27.20 9.82
CA LEU D 82 -2.13 -27.32 9.49
CA LEU D 82 -2.14 -27.26 9.48
C LEU D 82 -1.36 -27.85 10.66
N ILE D 83 -1.78 -27.50 11.87
CA ILE D 83 -1.15 -28.02 13.09
C ILE D 83 -2.28 -28.49 14.01
N ALA D 84 -2.09 -29.65 14.62
CA ALA D 84 -3.02 -30.15 15.58
C ALA D 84 -2.26 -30.98 16.56
N GLU D 85 -1.84 -30.35 17.64
CA GLU D 85 -1.09 -31.04 18.70
C GLU D 85 -2.04 -31.65 19.74
N GLY D 86 -1.70 -32.83 20.23
CA GLY D 86 -2.47 -33.54 21.25
C GLY D 86 -3.58 -34.43 20.72
N ILE D 87 -3.75 -34.46 19.41
CA ILE D 87 -4.64 -35.43 18.75
C ILE D 87 -3.93 -35.98 17.54
N GLN D 88 -4.43 -37.09 17.00
CA GLN D 88 -3.80 -37.74 15.84
C GLN D 88 -4.13 -36.99 14.57
N PHE D 89 -3.10 -36.55 13.86
CA PHE D 89 -3.34 -35.79 12.64
C PHE D 89 -4.15 -36.56 11.60
N ASN D 90 -3.91 -37.87 11.51
CA ASN D 90 -4.61 -38.74 10.52
C ASN D 90 -6.15 -38.71 10.72
N HIS D 91 -6.62 -38.52 11.95
CA HIS D 91 -8.05 -38.39 12.23
C HIS D 91 -8.67 -37.09 11.74
N ILE D 92 -7.88 -36.03 11.59
CA ILE D 92 -8.46 -34.71 11.27
C ILE D 92 -8.03 -34.11 9.94
N ARG D 93 -7.16 -34.81 9.24
CA ARG D 93 -6.66 -34.33 7.96
C ARG D 93 -7.76 -33.88 6.98
N SER D 94 -8.87 -34.59 6.95
CA SER D 94 -9.92 -34.28 5.98
C SER D 94 -10.93 -33.26 6.49
N ILE D 95 -10.88 -32.92 7.78
CA ILE D 95 -11.88 -31.98 8.32
C ILE D 95 -11.82 -30.64 7.60
N ARG D 96 -12.99 -30.12 7.26
CA ARG D 96 -13.17 -28.79 6.69
C ARG D 96 -14.28 -28.12 7.46
N LEU D 97 -14.05 -26.93 7.95
CA LEU D 97 -15.11 -26.16 8.58
C LEU D 97 -15.55 -25.06 7.64
N LYS D 98 -16.87 -24.96 7.40
CA LYS D 98 -17.41 -23.88 6.58
C LYS D 98 -17.27 -22.64 7.40
N SER D 99 -17.42 -21.48 6.76
CA SER D 99 -17.41 -20.23 7.50
C SER D 99 -18.63 -20.21 8.44
N GLY D 100 -18.47 -19.60 9.61
CA GLY D 100 -19.50 -19.63 10.66
C GLY D 100 -19.61 -20.95 11.42
N GLU D 101 -18.96 -22.01 10.93
CA GLU D 101 -19.04 -23.32 11.58
C GLU D 101 -17.97 -23.50 12.66
N GLY D 102 -18.42 -23.89 13.85
CA GLY D 102 -17.55 -24.08 15.01
C GLY D 102 -17.19 -22.75 15.66
N ILE D 103 -16.54 -22.82 16.80
CA ILE D 103 -15.92 -21.64 17.40
C ILE D 103 -14.93 -21.04 16.40
N ALA D 104 -14.13 -21.90 15.78
CA ALA D 104 -13.12 -21.42 14.85
C ALA D 104 -13.78 -20.67 13.69
N GLY D 105 -14.84 -21.24 13.12
CA GLY D 105 -15.58 -20.59 12.01
C GLY D 105 -16.19 -19.27 12.41
N SER D 106 -16.64 -19.19 13.64
CA SER D 106 -17.20 -17.93 14.13
C SER D 106 -16.13 -16.84 14.26
N VAL D 107 -14.92 -17.24 14.67
CA VAL D 107 -13.82 -16.28 14.76
C VAL D 107 -13.59 -15.66 13.38
N VAL D 108 -13.64 -16.49 12.34
CA VAL D 108 -13.42 -15.99 11.00
C VAL D 108 -14.47 -14.93 10.66
N GLN D 109 -15.71 -15.19 11.02
CA GLN D 109 -16.80 -14.27 10.72
C GLN D 109 -16.77 -12.98 11.52
N THR D 110 -16.55 -13.08 12.82
CA THR D 110 -16.47 -11.91 13.68
C THR D 110 -15.12 -11.21 13.62
N LYS D 111 -14.10 -11.88 13.11
CA LYS D 111 -12.71 -11.36 13.12
C LYS D 111 -12.22 -10.99 14.51
N SER D 112 -12.71 -11.68 15.52
CA SER D 112 -12.32 -11.36 16.88
C SER D 112 -12.09 -12.64 17.65
N PRO D 113 -11.32 -12.56 18.72
CA PRO D 113 -11.11 -13.74 19.56
C PRO D 113 -12.40 -14.21 20.19
N ILE D 114 -12.46 -15.50 20.54
CA ILE D 114 -13.55 -16.05 21.30
C ILE D 114 -12.99 -16.92 22.41
N PHE D 115 -13.42 -16.66 23.63
CA PHE D 115 -13.12 -17.48 24.80
C PHE D 115 -14.37 -18.22 25.24
N VAL D 116 -14.27 -19.55 25.42
CA VAL D 116 -15.41 -20.37 25.82
C VAL D 116 -14.99 -21.24 26.99
N GLU D 117 -15.59 -20.98 28.15
CA GLU D 117 -15.32 -21.75 29.37
C GLU D 117 -15.92 -23.13 29.35
N ASN D 118 -17.01 -23.31 28.60
CA ASN D 118 -17.66 -24.62 28.49
C ASN D 118 -18.41 -24.74 27.18
N VAL D 119 -17.90 -25.59 26.31
CA VAL D 119 -18.41 -25.66 24.93
C VAL D 119 -19.81 -26.28 24.85
N LYS D 120 -20.22 -27.00 25.88
CA LYS D 120 -21.59 -27.51 25.97
C LYS D 120 -22.63 -26.39 26.04
N ASN D 121 -22.25 -25.27 26.64
CA ASN D 121 -23.16 -24.12 26.73
C ASN D 121 -23.02 -23.13 25.59
N ASP D 122 -22.33 -23.51 24.51
CA ASP D 122 -22.15 -22.58 23.39
C ASP D 122 -22.68 -23.21 22.11
N PRO D 123 -23.70 -22.61 21.51
CA PRO D 123 -24.29 -23.15 20.28
C PRO D 123 -23.37 -23.04 19.07
N ARG D 124 -22.33 -22.21 19.16
CA ARG D 124 -21.40 -22.08 18.04
C ARG D 124 -20.46 -23.30 17.90
N PHE D 125 -20.27 -24.04 18.98
CA PHE D 125 -19.34 -25.16 19.04
C PHE D 125 -19.67 -26.21 18.00
N SER D 126 -18.64 -26.84 17.43
CA SER D 126 -18.82 -27.95 16.49
C SER D 126 -18.20 -29.23 17.06
N LYS D 127 -19.03 -30.27 17.18
CA LYS D 127 -18.62 -31.59 17.72
C LYS D 127 -17.85 -32.43 16.72
N LYS D 128 -17.83 -31.98 15.47
CA LYS D 128 -17.36 -32.78 14.36
C LYS D 128 -15.99 -33.39 14.67
N VAL D 129 -15.06 -32.57 15.18
CA VAL D 129 -13.68 -33.03 15.46
C VAL D 129 -13.60 -33.98 16.64
N ASP D 130 -14.25 -33.64 17.76
CA ASP D 130 -14.29 -34.57 18.91
C ASP D 130 -14.81 -35.96 18.49
N GLU D 131 -15.78 -35.99 17.58
CA GLU D 131 -16.36 -37.25 17.10
C GLU D 131 -15.33 -38.06 16.34
N LYS D 132 -14.47 -37.40 15.58
CA LYS D 132 -13.39 -38.08 14.87
C LYS D 132 -12.26 -38.51 15.76
N THR D 133 -11.98 -37.74 16.81
CA THR D 133 -10.77 -37.99 17.61
C THR D 133 -11.07 -38.79 18.84
N GLY D 134 -12.30 -38.71 19.34
CA GLY D 134 -12.63 -39.26 20.66
C GLY D 134 -12.10 -38.43 21.83
N PHE D 135 -11.60 -37.24 21.54
CA PHE D 135 -11.16 -36.32 22.59
C PHE D 135 -12.40 -35.58 23.03
N GLU D 136 -12.47 -35.20 24.30
CA GLU D 136 -13.55 -34.32 24.76
C GLU D 136 -13.10 -32.85 24.99
N THR D 137 -13.57 -31.97 24.11
CA THR D 137 -13.27 -30.54 24.21
C THR D 137 -14.15 -29.92 25.27
N LYS D 138 -13.55 -29.20 26.22
CA LYS D 138 -14.28 -28.50 27.26
C LYS D 138 -14.14 -26.99 27.16
N THR D 139 -12.90 -26.51 26.99
CA THR D 139 -12.64 -25.07 26.88
C THR D 139 -11.83 -24.76 25.63
N ILE D 140 -12.10 -23.59 25.05
CA ILE D 140 -11.35 -23.11 23.90
C ILE D 140 -11.02 -21.62 24.04
N ILE D 141 -9.77 -21.28 23.75
CA ILE D 141 -9.41 -19.91 23.36
C ILE D 141 -9.04 -19.93 21.91
N ALA D 142 -9.71 -19.10 21.11
CA ALA D 142 -9.52 -19.04 19.68
C ALA D 142 -9.24 -17.62 19.23
N VAL D 143 -8.17 -17.45 18.47
CA VAL D 143 -7.74 -16.14 18.02
C VAL D 143 -7.60 -16.12 16.49
N PRO D 144 -8.06 -15.04 15.83
CA PRO D 144 -7.92 -14.95 14.38
C PRO D 144 -6.49 -14.61 14.01
N ILE D 146 -4.72 -12.46 11.57
CA ILE D 146 -5.16 -11.30 10.79
C ILE D 146 -4.03 -10.83 9.89
N PHE D 147 -4.33 -10.63 8.62
CA PHE D 147 -3.39 -10.10 7.63
C PHE D 147 -4.13 -9.14 6.72
N ARG D 148 -3.66 -7.91 6.64
CA ARG D 148 -4.35 -6.84 5.88
C ARG D 148 -5.82 -6.74 6.24
N GLY D 149 -6.13 -6.73 7.53
CA GLY D 149 -7.50 -6.62 7.98
C GLY D 149 -8.41 -7.83 7.83
N GLU D 150 -7.97 -8.89 7.14
CA GLU D 150 -8.78 -10.12 7.00
C GLU D 150 -8.28 -11.30 7.83
N VAL D 151 -9.15 -12.28 8.04
CA VAL D 151 -8.81 -13.50 8.76
C VAL D 151 -8.25 -14.56 7.81
N HIS D 152 -7.03 -15.02 8.08
CA HIS D 152 -6.39 -16.08 7.28
C HIS D 152 -6.30 -17.41 7.98
N GLY D 153 -6.86 -17.48 9.16
CA GLY D 153 -6.89 -18.69 9.92
C GLY D 153 -7.15 -18.41 11.37
N VAL D 154 -7.03 -19.46 12.16
CA VAL D 154 -7.38 -19.42 13.57
C VAL D 154 -6.44 -20.33 14.35
N ILE D 155 -6.01 -19.85 15.53
CA ILE D 155 -5.22 -20.62 16.45
C ILE D 155 -6.11 -20.89 17.64
N GLU D 156 -6.20 -22.16 18.05
CA GLU D 156 -6.98 -22.54 19.22
C GLU D 156 -6.08 -23.15 20.28
N LEU D 157 -6.32 -22.79 21.53
CA LEU D 157 -5.77 -23.50 22.66
C LEU D 157 -6.93 -24.22 23.35
N VAL D 158 -6.82 -25.54 23.47
CA VAL D 158 -7.97 -26.35 23.84
C VAL D 158 -7.74 -26.97 25.20
N ASN D 159 -8.70 -26.87 26.08
CA ASN D 159 -8.59 -27.42 27.41
C ASN D 159 -7.36 -27.01 28.21
N ARG D 160 -7.23 -25.71 28.38
CA ARG D 160 -6.24 -25.05 29.17
C ARG D 160 -5.32 -24.20 28.37
N SER D 165 -7.68 -16.46 34.26
CA SER D 165 -6.78 -17.51 33.79
C SER D 165 -5.90 -17.01 32.62
N PHE D 166 -6.56 -16.61 31.53
CA PHE D 166 -5.86 -16.08 30.37
C PHE D 166 -5.71 -14.56 30.45
N SER D 167 -4.51 -14.10 30.78
CA SER D 167 -4.31 -12.68 31.07
C SER D 167 -4.40 -11.85 29.79
N PRO D 168 -4.60 -10.52 29.93
CA PRO D 168 -4.50 -9.64 28.76
C PRO D 168 -3.16 -9.73 28.05
N GLU D 169 -2.09 -9.91 28.80
CA GLU D 169 -0.77 -10.08 28.20
C GLU D 169 -0.68 -11.36 27.36
N ASP D 170 -1.22 -12.46 27.89
CA ASP D 170 -1.29 -13.70 27.14
C ASP D 170 -1.99 -13.47 25.83
N LEU D 171 -3.09 -12.74 25.87
CA LEU D 171 -3.88 -12.50 24.67
C LEU D 171 -3.07 -11.76 23.61
N VAL D 172 -2.35 -10.73 24.04
CA VAL D 172 -1.54 -9.95 23.11
C VAL D 172 -0.42 -10.81 22.50
N ILE D 173 0.25 -11.61 23.33
CA ILE D 173 1.25 -12.52 22.82
C ILE D 173 0.67 -13.47 21.77
N LEU D 174 -0.49 -14.04 22.05
CA LEU D 174 -1.11 -15.00 21.13
C LEU D 174 -1.57 -14.32 19.87
N GLN D 175 -2.13 -13.12 20.00
CA GLN D 175 -2.57 -12.36 18.84
C GLN D 175 -1.42 -11.98 17.95
N THR D 176 -0.27 -11.67 18.58
CA THR D 176 0.90 -11.33 17.83
C THR D 176 1.45 -12.55 17.07
N ILE D 177 1.51 -13.68 17.73
CA ILE D 177 1.89 -14.93 17.06
C ILE D 177 0.96 -15.13 15.86
N ALA D 178 -0.35 -14.96 16.07
CA ALA D 178 -1.33 -15.20 15.02
C ALA D 178 -1.15 -14.30 13.84
N ASP D 179 -0.95 -13.00 14.10
CA ASP D 179 -0.85 -12.08 13.01
C ASP D 179 0.40 -12.33 12.19
N PHE D 180 1.51 -12.58 12.87
CA PHE D 180 2.75 -12.77 12.13
C PHE D 180 2.71 -14.08 11.38
N THR D 181 2.01 -15.07 11.92
CA THR D 181 1.91 -16.36 11.22
C THR D 181 1.11 -16.22 9.92
N ALA D 182 0.04 -15.42 9.95
CA ALA D 182 -0.67 -15.06 8.69
C ALA D 182 0.24 -14.41 7.68
N ILE D 183 1.04 -13.43 8.12
CA ILE D 183 1.97 -12.77 7.23
C ILE D 183 2.91 -13.78 6.62
N SER D 184 3.50 -14.61 7.48
CA SER D 184 4.55 -15.51 7.06
C SER D 184 4.04 -16.61 6.17
N LEU D 185 2.86 -17.11 6.48
CA LEU D 185 2.26 -18.16 5.61
C LEU D 185 1.85 -17.60 4.26
N ALA D 186 1.38 -16.34 4.23
CA ALA D 186 0.99 -15.75 2.96
C ALA D 186 2.20 -15.67 2.07
N HIS D 187 3.31 -15.21 2.63
CA HIS D 187 4.52 -15.12 1.83
C HIS D 187 5.08 -16.48 1.44
N SER D 188 5.02 -17.44 2.34
CA SER D 188 5.46 -18.79 2.02
CA SER D 188 5.48 -18.80 2.01
C SER D 188 4.64 -19.42 0.88
N ASP D 189 3.33 -19.19 0.89
CA ASP D 189 2.48 -19.62 -0.23
C ASP D 189 2.91 -18.95 -1.52
N GLN D 190 3.14 -17.64 -1.47
CA GLN D 190 3.44 -16.88 -2.67
C GLN D 190 4.79 -17.31 -3.21
N TYR D 191 5.74 -17.55 -2.31
CA TYR D 191 7.04 -18.03 -2.71
C TYR D 191 7.00 -19.44 -3.29
N GLU D 192 6.23 -20.33 -2.67
CA GLU D 192 6.19 -21.75 -3.08
C GLU D 192 5.45 -21.96 -4.42
N LYS D 193 4.59 -21.03 -4.85
CA LYS D 193 4.08 -21.02 -6.23
C LYS D 193 5.17 -21.15 -7.29
N THR D 194 6.40 -20.76 -6.97
CA THR D 194 7.52 -21.01 -7.90
C THR D 194 8.06 -22.45 -7.77
#